data_2XHZ
#
_entry.id   2XHZ
#
_cell.length_a   55.860
_cell.length_b   67.430
_cell.length_c   82.170
_cell.angle_alpha   90.00
_cell.angle_beta   106.94
_cell.angle_gamma   90.00
#
_symmetry.space_group_name_H-M   'P 1 21 1'
#
loop_
_entity.id
_entity.type
_entity.pdbx_description
1 polymer 'ARABINOSE 5-PHOSPHATE ISOMERASE'
2 water water
#
_entity_poly.entity_id   1
_entity_poly.type   'polypeptide(L)'
_entity_poly.pdbx_seq_one_letter_code
;MSHVELQPGFDFQQAGKEVLAIERECLAELDQYINQNFTLACEKMFWCKGKVVVMGMGASGHIGRKMAATFASTGTPSFF
VHPGEAAHGDLGMVTPQDVVIAISNSGESSEITALIPVLKRLHVPLICITGRPESSMARAADVHLCVKVAKEACPLGLAP
TSSTTATLVMGDALAVALLKARG
;
_entity_poly.pdbx_strand_id   A,B,C,D
#
# COMPACT_ATOMS: atom_id res chain seq x y z
N ASP A 11 12.02 22.83 -24.87
CA ASP A 11 11.37 21.56 -25.28
C ASP A 11 10.67 20.89 -24.10
N PHE A 12 11.37 20.75 -22.99
CA PHE A 12 10.77 20.16 -21.79
C PHE A 12 9.56 20.95 -21.33
N GLN A 13 9.79 22.17 -20.86
CA GLN A 13 8.72 23.05 -20.41
C GLN A 13 7.60 23.10 -21.45
N GLN A 14 7.98 23.01 -22.72
CA GLN A 14 7.02 23.00 -23.81
C GLN A 14 6.11 21.78 -23.69
N ALA A 15 6.72 20.61 -23.48
CA ALA A 15 5.98 19.37 -23.35
C ALA A 15 5.20 19.30 -22.05
N GLY A 16 5.74 19.92 -21.01
CA GLY A 16 5.11 19.91 -19.69
C GLY A 16 3.82 20.70 -19.66
N LYS A 17 3.83 21.87 -20.29
CA LYS A 17 2.66 22.74 -20.32
C LYS A 17 1.55 22.16 -21.19
N GLU A 18 1.94 21.50 -22.27
CA GLU A 18 0.96 20.86 -23.15
C GLU A 18 0.09 19.90 -22.34
N VAL A 19 0.74 19.05 -21.54
CA VAL A 19 0.03 18.11 -20.69
C VAL A 19 -0.88 18.86 -19.71
N LEU A 20 -0.34 19.91 -19.10
CA LEU A 20 -1.11 20.73 -18.17
C LEU A 20 -2.34 21.31 -18.85
N ALA A 21 -2.16 21.79 -20.08
CA ALA A 21 -3.26 22.34 -20.86
C ALA A 21 -4.33 21.28 -21.11
N ILE A 22 -3.93 20.22 -21.82
CA ILE A 22 -4.85 19.14 -22.15
C ILE A 22 -5.74 18.76 -20.96
N GLU A 23 -5.13 18.61 -19.79
CA GLU A 23 -5.87 18.20 -18.60
C GLU A 23 -6.84 19.28 -18.12
N ARG A 24 -6.37 20.51 -18.06
CA ARG A 24 -7.22 21.63 -17.66
C ARG A 24 -8.45 21.72 -18.57
N GLU A 25 -8.27 21.34 -19.83
CA GLU A 25 -9.37 21.36 -20.80
C GLU A 25 -10.39 20.26 -20.49
N CYS A 26 -9.89 19.10 -20.05
CA CYS A 26 -10.75 17.97 -19.73
C CYS A 26 -11.57 18.21 -18.46
N LEU A 27 -10.95 18.87 -17.49
CA LEU A 27 -11.64 19.21 -16.25
C LEU A 27 -12.83 20.11 -16.53
N ALA A 28 -12.62 21.11 -17.39
CA ALA A 28 -13.68 22.04 -17.76
C ALA A 28 -14.90 21.29 -18.30
N GLU A 29 -14.67 20.08 -18.78
CA GLU A 29 -15.74 19.25 -19.32
C GLU A 29 -16.42 18.45 -18.22
N LEU A 30 -15.81 18.42 -17.05
CA LEU A 30 -16.28 17.59 -15.96
C LEU A 30 -17.48 18.18 -15.22
N ASP A 31 -17.58 19.51 -15.23
CA ASP A 31 -18.62 20.18 -14.46
C ASP A 31 -20.01 19.69 -14.84
N GLN A 32 -20.15 19.17 -16.06
CA GLN A 32 -21.43 18.66 -16.52
C GLN A 32 -21.82 17.38 -15.77
N TYR A 33 -20.83 16.53 -15.50
CA TYR A 33 -21.09 15.24 -14.86
C TYR A 33 -21.47 15.38 -13.39
N ILE A 34 -21.20 16.55 -12.81
CA ILE A 34 -21.64 16.82 -11.44
C ILE A 34 -23.15 17.04 -11.46
N ASN A 35 -23.86 16.07 -12.03
CA ASN A 35 -25.30 16.16 -12.21
C ASN A 35 -26.05 15.47 -11.07
N GLN A 36 -27.35 15.29 -11.26
CA GLN A 36 -28.20 14.66 -10.26
C GLN A 36 -27.58 13.41 -9.62
N ASN A 37 -26.86 12.63 -10.41
CA ASN A 37 -26.18 11.45 -9.90
C ASN A 37 -25.24 11.80 -8.76
N PHE A 38 -24.51 12.90 -8.93
CA PHE A 38 -23.62 13.39 -7.89
C PHE A 38 -24.41 13.59 -6.60
N THR A 39 -25.51 14.32 -6.69
CA THR A 39 -26.38 14.55 -5.54
C THR A 39 -26.86 13.22 -4.98
N LEU A 40 -27.33 12.34 -5.86
CA LEU A 40 -27.85 11.04 -5.47
C LEU A 40 -26.79 10.28 -4.65
N ALA A 41 -25.58 10.22 -5.18
CA ALA A 41 -24.48 9.53 -4.52
C ALA A 41 -24.16 10.16 -3.17
N CYS A 42 -24.14 11.49 -3.12
CA CYS A 42 -23.87 12.21 -1.88
C CYS A 42 -24.91 11.86 -0.82
N GLU A 43 -26.12 11.55 -1.25
CA GLU A 43 -27.20 11.21 -0.32
C GLU A 43 -27.06 9.79 0.22
N LYS A 44 -26.75 8.84 -0.65
CA LYS A 44 -26.50 7.47 -0.23
C LYS A 44 -25.40 7.41 0.82
N MET A 45 -24.35 8.20 0.62
CA MET A 45 -23.20 8.21 1.51
C MET A 45 -23.50 8.97 2.80
N PHE A 46 -24.26 10.06 2.68
CA PHE A 46 -24.55 10.93 3.81
C PHE A 46 -25.24 10.20 4.96
N TRP A 47 -25.99 9.15 4.64
CA TRP A 47 -26.75 8.41 5.65
C TRP A 47 -26.10 7.09 6.06
N CYS A 48 -24.93 6.81 5.50
CA CYS A 48 -24.22 5.57 5.82
C CYS A 48 -23.87 5.51 7.30
N LYS A 49 -24.29 4.42 7.96
CA LYS A 49 -23.98 4.22 9.36
C LYS A 49 -22.71 3.38 9.52
N GLY A 50 -22.27 2.77 8.42
CA GLY A 50 -21.08 1.94 8.43
C GLY A 50 -19.87 2.67 7.85
N LYS A 51 -19.22 2.04 6.88
CA LYS A 51 -18.05 2.62 6.25
C LYS A 51 -18.23 2.77 4.75
N VAL A 52 -17.76 3.87 4.20
CA VAL A 52 -17.73 4.05 2.75
C VAL A 52 -16.52 3.33 2.18
N VAL A 53 -16.76 2.18 1.56
CA VAL A 53 -15.67 1.34 1.06
C VAL A 53 -15.31 1.69 -0.38
N VAL A 54 -14.09 2.19 -0.56
CA VAL A 54 -13.60 2.54 -1.89
C VAL A 54 -12.62 1.47 -2.38
N MET A 55 -12.74 1.10 -3.64
CA MET A 55 -11.85 0.10 -4.22
C MET A 55 -11.60 0.38 -5.70
N GLY A 56 -10.41 0.01 -6.17
CA GLY A 56 -10.04 0.23 -7.56
C GLY A 56 -8.77 -0.52 -7.96
N MET A 57 -8.39 -0.40 -9.22
CA MET A 57 -7.20 -1.08 -9.72
C MET A 57 -6.16 -0.11 -10.25
N GLY A 58 -4.90 -0.52 -10.21
CA GLY A 58 -3.80 0.30 -10.72
C GLY A 58 -3.92 1.78 -10.37
N ALA A 59 -3.94 2.61 -11.40
CA ALA A 59 -4.04 4.06 -11.21
C ALA A 59 -5.28 4.43 -10.40
N SER A 60 -6.43 3.90 -10.81
CA SER A 60 -7.66 4.14 -10.09
C SER A 60 -7.50 3.82 -8.61
N GLY A 61 -6.81 2.73 -8.33
CA GLY A 61 -6.56 2.31 -6.95
C GLY A 61 -5.81 3.38 -6.17
N HIS A 62 -4.75 3.92 -6.77
CA HIS A 62 -3.95 4.94 -6.12
C HIS A 62 -4.80 6.16 -5.77
N ILE A 63 -5.55 6.66 -6.76
CA ILE A 63 -6.45 7.78 -6.54
C ILE A 63 -7.51 7.41 -5.52
N GLY A 64 -8.12 6.24 -5.70
CA GLY A 64 -9.16 5.76 -4.79
C GLY A 64 -8.68 5.68 -3.35
N ARG A 65 -7.36 5.67 -3.17
CA ARG A 65 -6.78 5.62 -1.83
C ARG A 65 -6.79 7.02 -1.23
N LYS A 66 -6.35 8.00 -2.01
CA LYS A 66 -6.39 9.39 -1.61
C LYS A 66 -7.83 9.79 -1.31
N MET A 67 -8.76 9.25 -2.10
CA MET A 67 -10.18 9.52 -1.95
C MET A 67 -10.66 9.10 -0.56
N ALA A 68 -10.39 7.86 -0.19
CA ALA A 68 -10.78 7.34 1.12
C ALA A 68 -10.18 8.17 2.25
N ALA A 69 -8.90 8.52 2.10
CA ALA A 69 -8.22 9.33 3.09
C ALA A 69 -8.90 10.68 3.25
N THR A 70 -9.29 11.28 2.13
CA THR A 70 -9.94 12.58 2.14
C THR A 70 -11.32 12.51 2.79
N PHE A 71 -12.07 11.46 2.50
CA PHE A 71 -13.36 11.24 3.14
C PHE A 71 -13.21 11.16 4.66
N ALA A 72 -12.27 10.35 5.11
CA ALA A 72 -12.06 10.13 6.54
C ALA A 72 -11.80 11.43 7.29
N SER A 73 -10.80 12.18 6.83
CA SER A 73 -10.43 13.43 7.48
C SER A 73 -11.50 14.50 7.31
N THR A 74 -12.55 14.15 6.57
CA THR A 74 -13.62 15.10 6.27
C THR A 74 -14.90 14.83 7.05
N GLY A 75 -14.91 13.73 7.80
CA GLY A 75 -16.08 13.36 8.60
C GLY A 75 -16.90 12.25 7.96
N THR A 76 -16.40 11.71 6.85
CA THR A 76 -17.06 10.59 6.20
C THR A 76 -16.20 9.33 6.33
N PRO A 77 -16.50 8.44 7.23
CA PRO A 77 -15.66 7.29 7.44
C PRO A 77 -15.63 6.30 6.30
N SER A 78 -14.42 5.94 5.93
CA SER A 78 -14.17 5.25 4.70
C SER A 78 -12.79 4.66 4.78
N PHE A 79 -12.55 3.63 3.98
CA PHE A 79 -11.26 3.05 3.83
C PHE A 79 -11.09 2.47 2.43
N PHE A 80 -9.87 2.28 1.98
CA PHE A 80 -9.63 1.69 0.67
C PHE A 80 -9.31 0.19 0.77
N VAL A 81 -9.73 -0.55 -0.24
CA VAL A 81 -9.45 -1.97 -0.32
C VAL A 81 -9.18 -2.38 -1.77
N HIS A 82 -8.16 -3.20 -1.98
CA HIS A 82 -7.83 -3.69 -3.31
C HIS A 82 -8.76 -4.84 -3.70
N PRO A 83 -9.39 -4.74 -4.87
CA PRO A 83 -10.34 -5.73 -5.38
C PRO A 83 -9.81 -7.16 -5.31
N GLY A 84 -8.56 -7.36 -5.72
CA GLY A 84 -7.96 -8.69 -5.70
C GLY A 84 -7.85 -9.26 -4.29
N GLU A 85 -7.44 -8.42 -3.35
CA GLU A 85 -7.29 -8.82 -1.96
C GLU A 85 -8.60 -9.38 -1.40
N ALA A 86 -9.71 -8.73 -1.75
CA ALA A 86 -11.02 -9.11 -1.23
C ALA A 86 -11.62 -10.31 -1.95
N ALA A 87 -10.92 -10.82 -2.96
CA ALA A 87 -11.38 -11.98 -3.72
C ALA A 87 -11.42 -13.22 -2.83
N HIS A 88 -10.32 -13.46 -2.12
CA HIS A 88 -10.24 -14.60 -1.21
C HIS A 88 -11.27 -14.49 -0.09
N GLY A 89 -11.36 -13.31 0.52
CA GLY A 89 -12.30 -13.09 1.61
C GLY A 89 -13.71 -12.88 1.12
N ASP A 90 -13.87 -12.78 -0.19
CA ASP A 90 -15.18 -12.56 -0.80
C ASP A 90 -15.86 -11.35 -0.19
N LEU A 91 -15.09 -10.29 0.04
CA LEU A 91 -15.61 -9.06 0.60
C LEU A 91 -16.02 -9.22 2.07
N GLY A 92 -15.16 -9.88 2.84
CA GLY A 92 -15.42 -10.08 4.26
C GLY A 92 -15.37 -8.78 5.04
N MET A 93 -14.83 -7.74 4.41
CA MET A 93 -14.70 -6.45 5.05
C MET A 93 -15.91 -5.56 4.77
N VAL A 94 -16.82 -6.05 3.94
CA VAL A 94 -18.00 -5.28 3.57
C VAL A 94 -19.26 -5.82 4.23
N THR A 95 -20.05 -4.92 4.81
CA THR A 95 -21.31 -5.29 5.44
C THR A 95 -22.46 -4.48 4.84
N PRO A 96 -23.71 -4.89 5.13
CA PRO A 96 -24.93 -4.29 4.61
C PRO A 96 -25.02 -2.78 4.86
N GLN A 97 -24.52 -2.32 6.00
CA GLN A 97 -24.64 -0.91 6.36
C GLN A 97 -23.52 -0.07 5.76
N ASP A 98 -22.71 -0.69 4.91
CA ASP A 98 -21.61 0.02 4.25
C ASP A 98 -22.08 0.60 2.92
N VAL A 99 -21.22 1.42 2.31
CA VAL A 99 -21.45 1.92 0.97
C VAL A 99 -20.19 1.71 0.14
N VAL A 100 -20.35 1.14 -1.05
CA VAL A 100 -19.21 0.81 -1.90
C VAL A 100 -19.04 1.79 -3.04
N ILE A 101 -17.81 2.28 -3.20
CA ILE A 101 -17.47 3.13 -4.34
C ILE A 101 -16.40 2.44 -5.18
N ALA A 102 -16.83 1.83 -6.28
CA ALA A 102 -15.90 1.18 -7.19
C ALA A 102 -15.39 2.15 -8.23
N ILE A 103 -14.07 2.31 -8.32
CA ILE A 103 -13.45 3.20 -9.28
C ILE A 103 -12.84 2.40 -10.43
N SER A 104 -13.19 2.78 -11.66
CA SER A 104 -12.70 2.07 -12.84
C SER A 104 -12.99 2.88 -14.11
N ASN A 105 -11.93 3.34 -14.75
CA ASN A 105 -12.08 4.12 -15.97
C ASN A 105 -12.63 3.27 -17.11
N SER A 106 -12.14 2.05 -17.22
CA SER A 106 -12.61 1.13 -18.23
C SER A 106 -14.05 0.71 -17.94
N GLY A 107 -14.40 0.69 -16.66
CA GLY A 107 -15.74 0.27 -16.23
C GLY A 107 -16.00 -1.18 -16.52
N GLU A 108 -14.96 -1.90 -16.95
CA GLU A 108 -15.09 -3.31 -17.27
C GLU A 108 -14.01 -4.15 -16.57
N SER A 109 -13.43 -3.59 -15.51
CA SER A 109 -12.42 -4.30 -14.74
C SER A 109 -12.94 -5.67 -14.31
N SER A 110 -12.17 -6.71 -14.59
CA SER A 110 -12.58 -8.07 -14.22
C SER A 110 -12.68 -8.24 -12.71
N GLU A 111 -11.63 -7.86 -12.00
CA GLU A 111 -11.59 -8.00 -10.55
C GLU A 111 -12.87 -7.48 -9.91
N ILE A 112 -13.18 -6.20 -10.16
CA ILE A 112 -14.37 -5.57 -9.60
C ILE A 112 -15.64 -6.21 -10.11
N THR A 113 -15.68 -6.47 -11.42
CA THR A 113 -16.84 -7.11 -12.04
C THR A 113 -17.25 -8.37 -11.27
N ALA A 114 -16.25 -9.14 -10.84
CA ALA A 114 -16.50 -10.38 -10.11
C ALA A 114 -17.19 -10.11 -8.78
N LEU A 115 -16.76 -9.07 -8.08
CA LEU A 115 -17.31 -8.74 -6.78
C LEU A 115 -18.74 -8.20 -6.89
N ILE A 116 -19.09 -7.70 -8.07
CA ILE A 116 -20.41 -7.12 -8.29
C ILE A 116 -21.51 -8.01 -7.75
N PRO A 117 -21.63 -9.24 -8.28
CA PRO A 117 -22.64 -10.18 -7.83
C PRO A 117 -22.67 -10.27 -6.30
N VAL A 118 -21.55 -10.64 -5.71
CA VAL A 118 -21.45 -10.75 -4.25
C VAL A 118 -21.88 -9.45 -3.58
N LEU A 119 -21.53 -8.33 -4.19
CA LEU A 119 -21.81 -7.03 -3.63
C LEU A 119 -23.30 -6.74 -3.61
N LYS A 120 -24.05 -7.43 -4.47
CA LYS A 120 -25.49 -7.21 -4.58
C LYS A 120 -26.30 -7.99 -3.56
N ARG A 121 -25.96 -9.26 -3.37
CA ARG A 121 -26.65 -10.08 -2.37
C ARG A 121 -26.14 -9.75 -0.97
N LEU A 122 -25.58 -8.55 -0.82
CA LEU A 122 -25.17 -8.03 0.48
C LEU A 122 -25.98 -6.77 0.78
N HIS A 123 -26.75 -6.33 -0.21
CA HIS A 123 -27.60 -5.16 -0.07
C HIS A 123 -26.78 -3.93 0.32
N VAL A 124 -25.67 -3.73 -0.39
CA VAL A 124 -24.81 -2.58 -0.16
C VAL A 124 -24.91 -1.61 -1.33
N PRO A 125 -25.39 -0.38 -1.06
CA PRO A 125 -25.51 0.65 -2.09
C PRO A 125 -24.22 0.81 -2.88
N LEU A 126 -24.25 0.42 -4.16
CA LEU A 126 -23.06 0.47 -5.00
C LEU A 126 -22.98 1.75 -5.82
N ILE A 127 -21.86 2.45 -5.70
CA ILE A 127 -21.60 3.63 -6.51
C ILE A 127 -20.40 3.40 -7.41
N CYS A 128 -20.57 3.62 -8.70
CA CYS A 128 -19.49 3.39 -9.66
C CYS A 128 -19.03 4.66 -10.35
N ILE A 129 -17.73 4.89 -10.34
CA ILE A 129 -17.14 6.04 -11.01
C ILE A 129 -16.40 5.57 -12.26
N THR A 130 -17.04 5.71 -13.42
CA THR A 130 -16.48 5.22 -14.67
C THR A 130 -16.41 6.30 -15.73
N GLY A 131 -15.74 5.99 -16.84
CA GLY A 131 -15.65 6.89 -17.97
C GLY A 131 -16.58 6.47 -19.09
N ARG A 132 -17.20 5.30 -18.92
CA ARG A 132 -18.14 4.77 -19.90
C ARG A 132 -19.51 4.57 -19.27
N PRO A 133 -20.47 5.46 -19.58
CA PRO A 133 -21.83 5.38 -19.06
C PRO A 133 -22.52 4.06 -19.43
N GLU A 134 -21.95 3.32 -20.38
CA GLU A 134 -22.51 2.03 -20.76
C GLU A 134 -21.62 0.87 -20.30
N SER A 135 -20.88 1.09 -19.23
CA SER A 135 -19.98 0.07 -18.69
C SER A 135 -20.74 -0.92 -17.81
N SER A 136 -20.17 -2.11 -17.65
CA SER A 136 -20.78 -3.14 -16.83
C SER A 136 -21.11 -2.60 -15.44
N MET A 137 -20.15 -1.88 -14.86
CA MET A 137 -20.32 -1.29 -13.53
C MET A 137 -21.40 -0.22 -13.53
N ALA A 138 -21.39 0.63 -14.57
CA ALA A 138 -22.38 1.69 -14.68
C ALA A 138 -23.79 1.12 -14.68
N ARG A 139 -23.96 -0.04 -15.30
CA ARG A 139 -25.26 -0.70 -15.39
C ARG A 139 -25.69 -1.29 -14.06
N ALA A 140 -24.78 -2.01 -13.41
CA ALA A 140 -25.09 -2.74 -12.18
C ALA A 140 -25.12 -1.83 -10.95
N ALA A 141 -24.45 -0.69 -11.03
CA ALA A 141 -24.40 0.23 -9.90
C ALA A 141 -25.76 0.86 -9.62
N ASP A 142 -25.99 1.27 -8.39
CA ASP A 142 -27.21 1.99 -8.03
C ASP A 142 -27.09 3.44 -8.46
N VAL A 143 -25.87 3.94 -8.45
CA VAL A 143 -25.58 5.30 -8.90
C VAL A 143 -24.26 5.33 -9.64
N HIS A 144 -24.27 5.80 -10.87
CA HIS A 144 -23.05 5.92 -11.65
C HIS A 144 -22.59 7.37 -11.75
N LEU A 145 -21.32 7.59 -11.43
CA LEU A 145 -20.74 8.92 -11.49
C LEU A 145 -19.76 8.98 -12.66
N CYS A 146 -20.09 9.76 -13.68
CA CYS A 146 -19.30 9.79 -14.90
C CYS A 146 -18.11 10.74 -14.81
N VAL A 147 -16.98 10.33 -15.40
CA VAL A 147 -15.77 11.14 -15.41
C VAL A 147 -15.04 11.03 -16.74
N LYS A 148 -15.80 10.81 -17.81
CA LYS A 148 -15.23 10.64 -19.14
C LYS A 148 -14.40 11.86 -19.55
N VAL A 149 -13.31 11.60 -20.28
CA VAL A 149 -12.48 12.65 -20.83
C VAL A 149 -12.28 12.41 -22.33
N ALA A 150 -12.16 13.48 -23.09
CA ALA A 150 -12.10 13.38 -24.55
C ALA A 150 -10.67 13.33 -25.10
N LYS A 151 -9.71 13.79 -24.30
CA LYS A 151 -8.33 13.87 -24.77
C LYS A 151 -7.31 13.32 -23.77
N GLU A 152 -6.43 12.45 -24.25
CA GLU A 152 -5.37 11.89 -23.42
C GLU A 152 -4.12 12.77 -23.47
N ALA A 153 -3.45 12.92 -22.34
CA ALA A 153 -2.28 13.78 -22.25
C ALA A 153 -0.99 13.01 -22.54
N CYS A 154 -1.08 11.69 -22.60
CA CYS A 154 0.08 10.85 -22.88
C CYS A 154 0.05 10.32 -24.31
N PRO A 155 1.15 10.50 -25.05
CA PRO A 155 1.28 10.16 -26.46
C PRO A 155 0.72 8.78 -26.81
N LEU A 156 1.12 7.76 -26.04
CA LEU A 156 0.70 6.39 -26.34
C LEU A 156 -0.27 5.87 -25.28
N GLY A 157 -0.88 6.77 -24.53
CA GLY A 157 -1.81 6.39 -23.49
C GLY A 157 -1.23 5.31 -22.59
N LEU A 158 0.09 5.14 -22.66
CA LEU A 158 0.79 4.18 -21.81
C LEU A 158 0.34 4.35 -20.36
N ALA A 159 0.02 5.58 -19.99
CA ALA A 159 -0.47 5.89 -18.66
C ALA A 159 -1.59 6.93 -18.74
N PRO A 160 -2.70 6.68 -18.03
CA PRO A 160 -3.84 7.58 -18.02
C PRO A 160 -3.49 8.90 -17.32
N THR A 161 -3.91 10.02 -17.90
CA THR A 161 -3.62 11.33 -17.32
C THR A 161 -4.91 12.11 -17.04
N SER A 162 -5.50 12.64 -18.11
CA SER A 162 -6.73 13.41 -17.99
C SER A 162 -7.79 12.65 -17.19
N SER A 163 -7.88 11.34 -17.43
CA SER A 163 -8.88 10.51 -16.77
C SER A 163 -8.64 10.39 -15.27
N THR A 164 -7.40 10.09 -14.88
CA THR A 164 -7.07 9.91 -13.48
C THR A 164 -7.29 11.17 -12.67
N THR A 165 -6.95 12.32 -13.24
CA THR A 165 -7.12 13.59 -12.56
C THR A 165 -8.59 13.96 -12.44
N ALA A 166 -9.39 13.48 -13.38
CA ALA A 166 -10.83 13.71 -13.36
C ALA A 166 -11.48 12.93 -12.22
N THR A 167 -10.91 11.78 -11.91
CA THR A 167 -11.40 10.95 -10.81
C THR A 167 -10.98 11.54 -9.47
N LEU A 168 -9.80 12.14 -9.43
CA LEU A 168 -9.27 12.73 -8.21
C LEU A 168 -10.10 13.93 -7.75
N VAL A 169 -10.30 14.88 -8.66
CA VAL A 169 -11.08 16.08 -8.34
C VAL A 169 -12.53 15.73 -8.04
N MET A 170 -13.09 14.83 -8.84
CA MET A 170 -14.46 14.35 -8.60
C MET A 170 -14.60 13.88 -7.17
N GLY A 171 -13.65 13.06 -6.71
CA GLY A 171 -13.66 12.58 -5.34
C GLY A 171 -13.59 13.70 -4.33
N ASP A 172 -12.76 14.70 -4.61
CA ASP A 172 -12.63 15.87 -3.75
C ASP A 172 -13.96 16.62 -3.69
N ALA A 173 -14.72 16.57 -4.78
CA ALA A 173 -15.99 17.28 -4.86
C ALA A 173 -17.07 16.59 -4.03
N LEU A 174 -16.98 15.27 -3.92
CA LEU A 174 -17.90 14.51 -3.07
C LEU A 174 -17.57 14.74 -1.61
N ALA A 175 -16.28 14.74 -1.30
CA ALA A 175 -15.80 14.93 0.06
C ALA A 175 -16.30 16.24 0.66
N VAL A 176 -15.95 17.36 0.02
CA VAL A 176 -16.32 18.67 0.52
C VAL A 176 -17.83 18.90 0.48
N ALA A 177 -18.47 18.45 -0.59
CA ALA A 177 -19.92 18.54 -0.69
C ALA A 177 -20.58 18.01 0.57
N LEU A 178 -20.26 16.77 0.93
CA LEU A 178 -20.80 16.16 2.13
C LEU A 178 -20.41 16.92 3.39
N LEU A 179 -19.19 17.44 3.40
CA LEU A 179 -18.71 18.22 4.54
C LEU A 179 -19.57 19.45 4.77
N LYS A 180 -19.95 20.12 3.67
CA LYS A 180 -20.75 21.32 3.76
C LYS A 180 -22.21 21.03 4.11
N ALA A 181 -22.68 19.85 3.73
CA ALA A 181 -24.04 19.45 4.04
C ALA A 181 -24.22 19.28 5.54
N ARG A 182 -23.11 19.11 6.25
CA ARG A 182 -23.14 18.94 7.70
C ARG A 182 -22.88 20.27 8.40
N GLY A 183 -21.75 20.89 8.09
CA GLY A 183 -21.39 22.17 8.69
C GLY A 183 -19.89 22.30 8.91
N PHE B 10 -28.89 20.60 -6.79
CA PHE B 10 -29.19 21.95 -6.27
C PHE B 10 -28.08 22.39 -5.31
N ASP B 11 -28.22 21.98 -4.05
CA ASP B 11 -27.23 22.29 -3.03
C ASP B 11 -25.97 21.45 -3.21
N PHE B 12 -26.15 20.15 -3.42
CA PHE B 12 -25.03 19.24 -3.60
C PHE B 12 -24.26 19.54 -4.88
N GLN B 13 -24.95 19.52 -6.01
CA GLN B 13 -24.33 19.85 -7.29
C GLN B 13 -23.67 21.22 -7.20
N GLN B 14 -24.33 22.13 -6.50
CA GLN B 14 -23.80 23.47 -6.30
C GLN B 14 -22.45 23.40 -5.59
N ALA B 15 -22.39 22.60 -4.53
CA ALA B 15 -21.17 22.47 -3.73
C ALA B 15 -20.04 21.80 -4.50
N GLY B 16 -20.40 20.88 -5.38
CA GLY B 16 -19.42 20.14 -6.16
C GLY B 16 -18.71 21.01 -7.18
N LYS B 17 -19.48 21.80 -7.92
CA LYS B 17 -18.94 22.65 -8.97
C LYS B 17 -18.03 23.75 -8.42
N GLU B 18 -18.31 24.20 -7.20
CA GLU B 18 -17.47 25.20 -6.56
C GLU B 18 -16.06 24.62 -6.36
N VAL B 19 -16.00 23.39 -5.87
CA VAL B 19 -14.73 22.71 -5.71
C VAL B 19 -14.01 22.58 -7.04
N LEU B 20 -14.75 22.15 -8.07
CA LEU B 20 -14.18 22.00 -9.41
C LEU B 20 -13.64 23.33 -9.92
N ALA B 21 -14.43 24.38 -9.79
CA ALA B 21 -14.00 25.71 -10.23
C ALA B 21 -12.76 26.15 -9.46
N ILE B 22 -12.75 25.89 -8.16
CA ILE B 22 -11.63 26.29 -7.31
C ILE B 22 -10.33 25.60 -7.71
N GLU B 23 -10.43 24.36 -8.18
CA GLU B 23 -9.25 23.59 -8.56
C GLU B 23 -8.80 23.88 -9.98
N ARG B 24 -9.75 24.22 -10.85
CA ARG B 24 -9.43 24.60 -12.22
C ARG B 24 -8.72 25.95 -12.23
N GLU B 25 -9.05 26.78 -11.26
CA GLU B 25 -8.39 28.08 -11.11
C GLU B 25 -6.97 27.90 -10.58
N CYS B 26 -6.80 26.91 -9.70
CA CYS B 26 -5.49 26.61 -9.12
C CYS B 26 -4.55 26.02 -10.17
N LEU B 27 -5.12 25.29 -11.12
CA LEU B 27 -4.33 24.69 -12.19
C LEU B 27 -3.86 25.73 -13.20
N ALA B 28 -4.66 26.78 -13.38
CA ALA B 28 -4.31 27.87 -14.27
C ALA B 28 -3.14 28.68 -13.72
N GLU B 29 -3.00 28.67 -12.40
CA GLU B 29 -1.91 29.39 -11.75
C GLU B 29 -0.62 28.57 -11.80
N LEU B 30 -0.76 27.25 -11.96
CA LEU B 30 0.38 26.35 -11.94
C LEU B 30 1.26 26.51 -13.19
N ASP B 31 0.71 27.18 -14.20
CA ASP B 31 1.43 27.39 -15.46
C ASP B 31 2.81 28.01 -15.24
N GLN B 32 2.89 28.96 -14.32
CA GLN B 32 4.12 29.71 -14.08
C GLN B 32 5.22 28.85 -13.48
N TYR B 33 4.83 27.84 -12.70
CA TYR B 33 5.79 27.04 -11.94
C TYR B 33 6.50 25.98 -12.78
N ILE B 34 5.97 25.71 -13.97
CA ILE B 34 6.65 24.84 -14.92
C ILE B 34 7.79 25.60 -15.55
N ASN B 35 8.74 26.03 -14.72
CA ASN B 35 9.82 26.90 -15.16
C ASN B 35 11.17 26.20 -15.08
N GLN B 36 12.24 26.99 -15.05
CA GLN B 36 13.59 26.45 -15.01
C GLN B 36 13.77 25.24 -14.10
N ASN B 37 13.19 25.31 -12.90
CA ASN B 37 13.27 24.21 -11.95
C ASN B 37 12.68 22.94 -12.54
N PHE B 38 11.60 23.08 -13.30
CA PHE B 38 10.97 21.96 -13.97
C PHE B 38 11.97 21.29 -14.92
N THR B 39 12.50 22.06 -15.85
CA THR B 39 13.52 21.57 -16.77
C THR B 39 14.68 20.97 -15.98
N LEU B 40 15.19 21.75 -15.03
CA LEU B 40 16.33 21.34 -14.22
C LEU B 40 16.10 19.95 -13.62
N ALA B 41 14.90 19.72 -13.11
CA ALA B 41 14.56 18.44 -12.47
C ALA B 41 14.39 17.31 -13.49
N CYS B 42 13.90 17.65 -14.67
CA CYS B 42 13.75 16.66 -15.74
C CYS B 42 15.11 16.15 -16.20
N GLU B 43 16.14 16.92 -15.92
CA GLU B 43 17.50 16.56 -16.33
C GLU B 43 18.15 15.62 -15.32
N LYS B 44 17.99 15.91 -14.03
CA LYS B 44 18.50 15.02 -12.99
C LYS B 44 17.94 13.61 -13.15
N MET B 45 16.67 13.53 -13.53
CA MET B 45 16.01 12.24 -13.71
C MET B 45 16.43 11.58 -15.04
N PHE B 46 16.60 12.39 -16.07
CA PHE B 46 16.95 11.88 -17.40
C PHE B 46 18.25 11.08 -17.38
N TRP B 47 19.23 11.57 -16.62
CA TRP B 47 20.55 10.94 -16.59
C TRP B 47 20.68 9.92 -15.47
N CYS B 48 19.54 9.51 -14.91
CA CYS B 48 19.54 8.56 -13.80
C CYS B 48 19.76 7.13 -14.27
N LYS B 49 20.81 6.49 -13.75
CA LYS B 49 21.09 5.10 -14.07
C LYS B 49 20.43 4.16 -13.07
N GLY B 50 19.92 4.74 -11.99
CA GLY B 50 19.25 3.95 -10.95
C GLY B 50 17.74 4.04 -11.05
N LYS B 51 17.10 4.36 -9.93
CA LYS B 51 15.65 4.46 -9.88
C LYS B 51 15.23 5.82 -9.33
N VAL B 52 14.14 6.36 -9.86
CA VAL B 52 13.56 7.58 -9.31
C VAL B 52 12.69 7.21 -8.12
N VAL B 53 13.16 7.54 -6.92
CA VAL B 53 12.47 7.15 -5.70
C VAL B 53 11.56 8.27 -5.19
N VAL B 54 10.26 8.08 -5.38
CA VAL B 54 9.28 9.06 -4.92
C VAL B 54 8.69 8.65 -3.58
N MET B 55 8.60 9.60 -2.66
CA MET B 55 8.11 9.32 -1.31
C MET B 55 7.33 10.51 -0.75
N GLY B 56 6.30 10.22 0.03
CA GLY B 56 5.47 11.26 0.64
C GLY B 56 4.58 10.73 1.74
N MET B 57 3.86 11.62 2.41
CA MET B 57 2.98 11.23 3.51
C MET B 57 1.51 11.44 3.15
N GLY B 58 0.65 10.57 3.68
CA GLY B 58 -0.78 10.69 3.47
C GLY B 58 -1.30 10.89 2.05
N ALA B 59 -2.07 11.95 1.85
CA ALA B 59 -2.52 12.35 0.53
C ALA B 59 -1.35 12.41 -0.45
N SER B 60 -0.31 13.14 -0.06
CA SER B 60 0.88 13.24 -0.88
C SER B 60 1.39 11.85 -1.24
N GLY B 61 1.44 10.98 -0.24
CA GLY B 61 1.90 9.60 -0.45
C GLY B 61 1.09 8.87 -1.50
N HIS B 62 -0.22 9.03 -1.46
CA HIS B 62 -1.10 8.38 -2.43
C HIS B 62 -0.90 8.94 -3.83
N ILE B 63 -0.67 10.24 -3.92
CA ILE B 63 -0.37 10.87 -5.21
C ILE B 63 1.02 10.44 -5.68
N GLY B 64 2.02 10.61 -4.82
CA GLY B 64 3.38 10.20 -5.15
C GLY B 64 3.42 8.77 -5.64
N ARG B 65 2.46 7.97 -5.19
CA ARG B 65 2.37 6.57 -5.60
C ARG B 65 1.99 6.48 -7.07
N LYS B 66 0.84 7.06 -7.41
CA LYS B 66 0.37 7.10 -8.79
C LYS B 66 1.43 7.74 -9.68
N MET B 67 2.21 8.63 -9.09
CA MET B 67 3.27 9.33 -9.81
C MET B 67 4.38 8.35 -10.22
N ALA B 68 4.73 7.44 -9.32
CA ALA B 68 5.78 6.46 -9.58
C ALA B 68 5.36 5.48 -10.66
N ALA B 69 4.12 5.01 -10.60
CA ALA B 69 3.60 4.10 -11.60
C ALA B 69 3.59 4.76 -12.97
N THR B 70 3.30 6.05 -13.00
CA THR B 70 3.27 6.80 -14.25
C THR B 70 4.65 6.90 -14.88
N PHE B 71 5.64 7.25 -14.05
CA PHE B 71 7.03 7.32 -14.52
C PHE B 71 7.45 6.00 -15.15
N ALA B 72 7.22 4.90 -14.43
CA ALA B 72 7.63 3.58 -14.88
C ALA B 72 7.02 3.21 -16.22
N SER B 73 5.69 3.27 -16.31
CA SER B 73 5.00 2.94 -17.55
C SER B 73 5.35 3.93 -18.66
N THR B 74 6.28 4.83 -18.38
CA THR B 74 6.66 5.87 -19.33
C THR B 74 8.13 5.80 -19.71
N GLY B 75 8.86 4.87 -19.09
CA GLY B 75 10.28 4.68 -19.40
C GLY B 75 11.22 5.35 -18.43
N THR B 76 10.69 5.86 -17.33
CA THR B 76 11.52 6.42 -16.25
C THR B 76 11.44 5.55 -15.02
N PRO B 77 12.35 4.60 -14.83
CA PRO B 77 12.21 3.68 -13.72
C PRO B 77 12.17 4.34 -12.36
N SER B 78 11.20 3.95 -11.57
CA SER B 78 10.80 4.70 -10.42
C SER B 78 10.01 3.82 -9.51
N PHE B 79 9.99 4.09 -8.22
CA PHE B 79 9.12 3.36 -7.33
C PHE B 79 8.73 4.19 -6.15
N PHE B 80 7.61 3.87 -5.50
CA PHE B 80 7.20 4.64 -4.32
C PHE B 80 7.67 3.98 -3.03
N VAL B 81 8.11 4.81 -2.10
CA VAL B 81 8.53 4.33 -0.78
C VAL B 81 7.98 5.24 0.30
N HIS B 82 7.48 4.65 1.38
CA HIS B 82 6.90 5.41 2.47
C HIS B 82 7.98 5.89 3.43
N PRO B 83 8.00 7.21 3.70
CA PRO B 83 8.99 7.82 4.57
C PRO B 83 9.20 7.03 5.86
N GLY B 84 8.09 6.69 6.53
CA GLY B 84 8.16 5.93 7.77
C GLY B 84 8.88 4.61 7.62
N GLU B 85 8.65 3.94 6.50
CA GLU B 85 9.27 2.64 6.25
C GLU B 85 10.77 2.77 5.95
N ALA B 86 11.15 3.86 5.29
CA ALA B 86 12.54 4.09 4.95
C ALA B 86 13.37 4.40 6.19
N ALA B 87 12.76 5.06 7.16
CA ALA B 87 13.44 5.42 8.39
C ALA B 87 14.18 4.26 9.05
N HIS B 88 13.50 3.13 9.18
CA HIS B 88 14.09 1.95 9.80
C HIS B 88 15.29 1.47 8.98
N GLY B 89 15.01 0.88 7.83
CA GLY B 89 16.07 0.44 6.93
C GLY B 89 16.94 1.61 6.54
N ASP B 90 16.63 2.78 7.10
CA ASP B 90 17.34 4.01 6.77
C ASP B 90 17.66 4.08 5.29
N LEU B 91 16.63 4.13 4.47
CA LEU B 91 16.78 4.24 3.03
C LEU B 91 17.77 3.22 2.47
N GLY B 92 17.64 1.97 2.93
CA GLY B 92 18.46 0.89 2.40
C GLY B 92 18.03 0.53 0.99
N MET B 93 16.93 1.14 0.55
CA MET B 93 16.42 0.89 -0.80
C MET B 93 16.90 1.95 -1.78
N VAL B 94 17.57 2.98 -1.27
CA VAL B 94 18.09 4.04 -2.12
C VAL B 94 19.62 4.07 -2.10
N THR B 95 20.22 4.16 -3.28
CA THR B 95 21.67 4.26 -3.41
C THR B 95 22.06 5.58 -4.06
N PRO B 96 23.37 5.81 -4.23
CA PRO B 96 23.88 7.02 -4.85
C PRO B 96 23.48 7.13 -6.32
N GLN B 97 23.08 6.01 -6.91
CA GLN B 97 22.69 5.97 -8.32
C GLN B 97 21.26 6.43 -8.54
N ASP B 98 20.53 6.61 -7.45
CA ASP B 98 19.11 6.95 -7.52
C ASP B 98 18.85 8.45 -7.45
N VAL B 99 17.63 8.84 -7.80
CA VAL B 99 17.18 10.21 -7.65
C VAL B 99 15.91 10.20 -6.81
N VAL B 100 15.89 11.02 -5.77
CA VAL B 100 14.76 11.01 -4.83
C VAL B 100 13.84 12.21 -5.00
N ILE B 101 12.55 11.93 -5.13
CA ILE B 101 11.55 12.98 -5.16
C ILE B 101 10.73 12.95 -3.88
N ALA B 102 10.91 13.97 -3.04
CA ALA B 102 10.14 14.09 -1.82
C ALA B 102 8.95 15.01 -2.04
N ILE B 103 7.76 14.53 -1.68
CA ILE B 103 6.53 15.30 -1.88
C ILE B 103 5.93 15.74 -0.55
N SER B 104 5.53 17.00 -0.48
CA SER B 104 4.94 17.54 0.73
C SER B 104 4.41 18.92 0.32
N ASN B 105 3.21 19.24 0.79
CA ASN B 105 2.64 20.57 0.58
C ASN B 105 3.12 21.37 1.78
N SER B 106 3.08 20.74 2.94
CA SER B 106 3.54 21.36 4.17
C SER B 106 4.95 21.90 4.02
N GLY B 107 5.85 21.05 3.53
CA GLY B 107 7.25 21.41 3.39
C GLY B 107 7.97 21.36 4.73
N GLU B 108 7.27 20.87 5.74
CA GLU B 108 7.81 20.78 7.09
C GLU B 108 7.59 19.40 7.71
N SER B 109 7.16 18.44 6.90
CA SER B 109 6.91 17.10 7.39
C SER B 109 8.12 16.56 8.17
N SER B 110 7.85 15.80 9.22
CA SER B 110 8.92 15.28 10.07
C SER B 110 9.61 14.07 9.46
N GLU B 111 8.82 13.07 9.07
CA GLU B 111 9.37 11.83 8.51
C GLU B 111 10.42 12.13 7.45
N ILE B 112 9.99 12.74 6.35
CA ILE B 112 10.89 13.05 5.24
C ILE B 112 12.05 13.94 5.71
N THR B 113 11.74 14.90 6.58
CA THR B 113 12.75 15.83 7.07
C THR B 113 13.87 15.06 7.77
N ALA B 114 13.49 14.04 8.52
CA ALA B 114 14.46 13.22 9.25
C ALA B 114 15.42 12.51 8.31
N LEU B 115 14.91 12.10 7.14
CA LEU B 115 15.73 11.39 6.17
C LEU B 115 16.74 12.30 5.50
N ILE B 116 16.51 13.61 5.58
CA ILE B 116 17.38 14.57 4.92
C ILE B 116 18.85 14.30 5.19
N PRO B 117 19.22 14.18 6.47
CA PRO B 117 20.60 13.85 6.84
C PRO B 117 21.16 12.58 6.22
N VAL B 118 20.31 11.57 6.05
CA VAL B 118 20.73 10.30 5.50
C VAL B 118 20.81 10.45 3.98
N LEU B 119 19.74 10.94 3.38
CA LEU B 119 19.68 11.14 1.93
C LEU B 119 20.84 11.98 1.42
N LYS B 120 21.15 12.98 2.21
CA LYS B 120 22.11 13.99 1.95
C LYS B 120 23.49 13.43 1.81
N ARG B 121 23.81 12.57 2.75
CA ARG B 121 25.11 11.89 2.84
C ARG B 121 25.10 10.53 2.15
N LEU B 122 24.32 10.43 1.08
CA LEU B 122 24.41 9.31 0.15
C LEU B 122 24.76 9.90 -1.20
N HIS B 123 24.80 11.22 -1.26
CA HIS B 123 25.09 11.94 -2.49
C HIS B 123 24.07 11.57 -3.57
N VAL B 124 22.83 11.41 -3.15
CA VAL B 124 21.72 11.13 -4.07
C VAL B 124 20.98 12.42 -4.37
N PRO B 125 20.77 12.72 -5.66
CA PRO B 125 20.03 13.92 -6.06
C PRO B 125 18.68 13.99 -5.36
N LEU B 126 18.32 15.17 -4.86
CA LEU B 126 17.06 15.35 -4.15
C LEU B 126 16.15 16.36 -4.84
N ILE B 127 14.97 15.89 -5.22
CA ILE B 127 13.95 16.77 -5.79
C ILE B 127 12.77 16.86 -4.85
N CYS B 128 12.36 18.08 -4.53
CA CYS B 128 11.25 18.28 -3.60
C CYS B 128 10.10 19.08 -4.23
N ILE B 129 8.89 18.58 -4.05
CA ILE B 129 7.70 19.25 -4.55
C ILE B 129 6.90 19.82 -3.37
N THR B 130 6.96 21.13 -3.20
CA THR B 130 6.34 21.78 -2.05
C THR B 130 5.45 22.95 -2.46
N GLY B 131 4.63 23.41 -1.52
CA GLY B 131 3.74 24.54 -1.76
C GLY B 131 4.29 25.83 -1.17
N ARG B 132 5.48 25.74 -0.60
CA ARG B 132 6.14 26.92 -0.01
C ARG B 132 7.64 26.87 -0.19
N PRO B 133 8.19 27.81 -0.98
CA PRO B 133 9.59 27.90 -1.35
C PRO B 133 10.51 28.17 -0.15
N GLU B 134 9.94 28.63 0.96
CA GLU B 134 10.72 28.90 2.16
C GLU B 134 10.66 27.76 3.17
N SER B 135 10.22 26.60 2.71
CA SER B 135 10.17 25.41 3.57
C SER B 135 11.54 24.74 3.62
N SER B 136 11.76 23.92 4.64
CA SER B 136 13.02 23.20 4.76
C SER B 136 13.33 22.02 3.84
N MET B 137 12.31 21.64 3.10
CA MET B 137 12.42 20.64 2.08
C MET B 137 12.74 21.39 0.84
N ALA B 138 11.94 22.37 0.49
CA ALA B 138 12.26 23.16 -0.66
C ALA B 138 13.63 23.74 -0.43
N ARG B 139 13.97 23.82 0.84
CA ARG B 139 15.24 24.29 1.29
C ARG B 139 16.42 23.48 0.89
N ALA B 140 16.42 22.29 1.43
CA ALA B 140 17.53 21.33 1.39
C ALA B 140 17.65 20.60 0.06
N ALA B 141 16.62 20.68 -0.77
CA ALA B 141 16.61 19.96 -2.05
C ALA B 141 17.57 20.57 -3.07
N ASP B 142 18.23 19.71 -3.84
CA ASP B 142 19.11 20.17 -4.91
C ASP B 142 18.29 20.97 -5.92
N VAL B 143 17.04 20.58 -6.09
CA VAL B 143 16.12 21.27 -6.99
C VAL B 143 14.73 21.31 -6.37
N HIS B 144 14.11 22.49 -6.38
CA HIS B 144 12.77 22.64 -5.84
C HIS B 144 11.73 22.85 -6.93
N LEU B 145 10.70 22.01 -6.92
CA LEU B 145 9.61 22.14 -7.85
C LEU B 145 8.37 22.62 -7.10
N CYS B 146 7.98 23.87 -7.33
CA CYS B 146 6.93 24.51 -6.55
C CYS B 146 5.53 24.26 -7.11
N VAL B 147 4.62 23.87 -6.23
CA VAL B 147 3.23 23.63 -6.60
C VAL B 147 2.29 24.46 -5.73
N LYS B 148 2.74 25.66 -5.36
CA LYS B 148 1.97 26.56 -4.52
C LYS B 148 0.59 26.86 -5.12
N VAL B 149 -0.44 26.75 -4.30
CA VAL B 149 -1.80 27.10 -4.72
C VAL B 149 -2.36 28.20 -3.84
N ALA B 150 -3.20 29.04 -4.43
CA ALA B 150 -3.71 30.23 -3.74
C ALA B 150 -5.00 29.97 -2.96
N LYS B 151 -5.79 29.00 -3.41
CA LYS B 151 -7.09 28.74 -2.79
C LYS B 151 -7.37 27.25 -2.61
N GLU B 152 -7.83 26.90 -1.41
CA GLU B 152 -8.20 25.53 -1.09
C GLU B 152 -9.68 25.29 -1.33
N ALA B 153 -10.01 24.12 -1.86
CA ALA B 153 -11.39 23.77 -2.17
C ALA B 153 -12.14 23.23 -0.96
N CYS B 154 -11.40 23.01 0.14
CA CYS B 154 -12.00 22.51 1.36
C CYS B 154 -12.16 23.63 2.39
N PRO B 155 -13.38 23.80 2.90
CA PRO B 155 -13.74 24.91 3.78
C PRO B 155 -12.94 24.95 5.07
N LEU B 156 -12.78 23.81 5.72
CA LEU B 156 -12.07 23.74 6.99
C LEU B 156 -10.63 23.25 6.82
N GLY B 157 -10.23 23.03 5.58
CA GLY B 157 -8.89 22.57 5.27
C GLY B 157 -8.56 21.23 5.90
N LEU B 158 -9.60 20.47 6.21
CA LEU B 158 -9.43 19.14 6.82
C LEU B 158 -8.63 18.22 5.91
N ALA B 159 -8.82 18.37 4.60
CA ALA B 159 -8.12 17.56 3.63
C ALA B 159 -7.65 18.41 2.44
N PRO B 160 -6.48 18.09 1.88
CA PRO B 160 -5.94 18.80 0.73
C PRO B 160 -6.74 18.50 -0.53
N THR B 161 -6.92 19.52 -1.37
CA THR B 161 -7.70 19.37 -2.60
C THR B 161 -6.93 19.92 -3.80
N SER B 162 -6.81 21.24 -3.87
CA SER B 162 -6.10 21.88 -4.97
C SER B 162 -4.62 21.53 -4.97
N SER B 163 -3.99 21.62 -3.81
CA SER B 163 -2.58 21.28 -3.69
C SER B 163 -2.33 19.85 -4.15
N THR B 164 -3.17 18.93 -3.67
CA THR B 164 -3.07 17.52 -4.03
C THR B 164 -3.17 17.35 -5.55
N THR B 165 -4.16 18.00 -6.15
CA THR B 165 -4.40 17.87 -7.58
C THR B 165 -3.31 18.54 -8.40
N ALA B 166 -2.76 19.64 -7.88
CA ALA B 166 -1.70 20.36 -8.55
C ALA B 166 -0.44 19.48 -8.67
N THR B 167 -0.15 18.75 -7.59
CA THR B 167 0.99 17.85 -7.56
C THR B 167 0.80 16.71 -8.57
N LEU B 168 -0.38 16.13 -8.59
CA LEU B 168 -0.69 15.06 -9.52
C LEU B 168 -0.38 15.48 -10.96
N VAL B 169 -0.95 16.61 -11.37
CA VAL B 169 -0.74 17.12 -12.73
C VAL B 169 0.72 17.45 -12.97
N MET B 170 1.35 18.10 -11.99
CA MET B 170 2.77 18.45 -12.09
C MET B 170 3.61 17.21 -12.41
N GLY B 171 3.30 16.10 -11.74
CA GLY B 171 4.00 14.84 -11.98
C GLY B 171 3.79 14.33 -13.38
N ASP B 172 2.56 14.41 -13.86
CA ASP B 172 2.24 13.97 -15.22
C ASP B 172 3.02 14.80 -16.25
N ALA B 173 3.32 16.04 -15.89
CA ALA B 173 4.09 16.92 -16.77
C ALA B 173 5.55 16.49 -16.82
N LEU B 174 6.04 15.92 -15.74
CA LEU B 174 7.39 15.40 -15.68
C LEU B 174 7.47 14.06 -16.41
N ALA B 175 6.47 13.21 -16.18
CA ALA B 175 6.42 11.91 -16.83
C ALA B 175 6.44 12.03 -18.34
N VAL B 176 5.44 12.73 -18.89
CA VAL B 176 5.30 12.88 -20.33
C VAL B 176 6.46 13.67 -20.93
N ALA B 177 6.93 14.69 -20.20
CA ALA B 177 8.05 15.50 -20.65
C ALA B 177 9.28 14.65 -20.94
N LEU B 178 9.67 13.84 -19.97
CA LEU B 178 10.81 12.94 -20.14
C LEU B 178 10.56 11.95 -21.26
N LEU B 179 9.34 11.43 -21.33
CA LEU B 179 8.97 10.50 -22.39
C LEU B 179 9.27 11.09 -23.76
N LYS B 180 8.92 12.36 -23.94
CA LYS B 180 9.14 13.04 -25.20
C LYS B 180 10.62 13.33 -25.43
N ALA B 181 11.33 13.64 -24.35
CA ALA B 181 12.76 13.94 -24.43
C ALA B 181 13.54 12.77 -25.00
N ARG B 182 13.05 11.56 -24.75
CA ARG B 182 13.69 10.36 -25.28
C ARG B 182 13.23 10.10 -26.70
N GLY B 183 12.68 11.12 -27.35
CA GLY B 183 12.19 11.01 -28.71
C GLY B 183 10.92 10.17 -28.80
N ASP C 11 -11.91 -23.19 24.70
CA ASP C 11 -12.15 -23.45 23.25
C ASP C 11 -11.38 -22.48 22.36
N PHE C 12 -11.50 -21.19 22.65
CA PHE C 12 -10.76 -20.17 21.91
C PHE C 12 -9.26 -20.44 21.97
N GLN C 13 -8.72 -20.49 23.18
CA GLN C 13 -7.31 -20.80 23.38
C GLN C 13 -7.00 -22.19 22.80
N GLN C 14 -8.01 -23.05 22.81
CA GLN C 14 -7.88 -24.39 22.26
C GLN C 14 -7.65 -24.33 20.75
N ALA C 15 -8.38 -23.44 20.09
CA ALA C 15 -8.28 -23.29 18.64
C ALA C 15 -7.08 -22.43 18.25
N GLY C 16 -6.62 -21.59 19.17
CA GLY C 16 -5.48 -20.73 18.93
C GLY C 16 -4.17 -21.47 19.02
N LYS C 17 -4.11 -22.48 19.86
CA LYS C 17 -2.90 -23.26 20.05
C LYS C 17 -2.72 -24.31 18.95
N GLU C 18 -3.84 -24.81 18.44
CA GLU C 18 -3.79 -25.80 17.36
C GLU C 18 -3.25 -25.18 16.08
N VAL C 19 -3.70 -23.96 15.79
CA VAL C 19 -3.20 -23.23 14.63
C VAL C 19 -1.70 -23.02 14.78
N LEU C 20 -1.28 -22.70 16.00
CA LEU C 20 0.14 -22.48 16.29
C LEU C 20 0.94 -23.76 16.09
N ALA C 21 0.40 -24.89 16.56
CA ALA C 21 1.07 -26.17 16.40
C ALA C 21 1.19 -26.55 14.92
N ILE C 22 0.06 -26.49 14.22
CA ILE C 22 0.04 -26.83 12.80
C ILE C 22 1.10 -26.07 12.01
N GLU C 23 1.24 -24.77 12.30
CA GLU C 23 2.21 -23.95 11.59
C GLU C 23 3.64 -24.28 11.98
N ARG C 24 3.87 -24.50 13.27
CA ARG C 24 5.19 -24.87 13.76
C ARG C 24 5.63 -26.18 13.13
N GLU C 25 4.67 -27.08 12.90
CA GLU C 25 4.94 -28.35 12.27
C GLU C 25 5.43 -28.16 10.83
N CYS C 26 4.73 -27.28 10.10
CA CYS C 26 5.07 -27.01 8.71
C CYS C 26 6.47 -26.41 8.59
N LEU C 27 6.82 -25.53 9.52
CA LEU C 27 8.15 -24.92 9.52
C LEU C 27 9.22 -25.98 9.75
N ALA C 28 8.88 -27.04 10.46
CA ALA C 28 9.80 -28.13 10.70
C ALA C 28 10.02 -28.95 9.42
N GLU C 29 9.11 -28.79 8.46
CA GLU C 29 9.20 -29.49 7.20
C GLU C 29 9.97 -28.65 6.18
N LEU C 30 10.22 -27.39 6.52
CA LEU C 30 10.80 -26.44 5.58
C LEU C 30 12.31 -26.59 5.43
N ASP C 31 12.97 -27.04 6.48
CA ASP C 31 14.42 -27.17 6.50
C ASP C 31 15.00 -27.67 5.18
N GLN C 32 14.40 -28.73 4.65
CA GLN C 32 14.90 -29.36 3.43
C GLN C 32 15.03 -28.38 2.27
N TYR C 33 14.08 -27.47 2.16
CA TYR C 33 14.02 -26.55 1.02
C TYR C 33 15.11 -25.49 1.05
N ILE C 34 15.65 -25.20 2.22
CA ILE C 34 16.79 -24.31 2.33
C ILE C 34 18.02 -25.01 1.77
N ASN C 35 17.92 -25.43 0.50
CA ASN C 35 18.96 -26.24 -0.12
C ASN C 35 19.61 -25.45 -1.27
N GLN C 36 20.23 -26.18 -2.19
CA GLN C 36 20.93 -25.57 -3.31
C GLN C 36 20.27 -24.37 -3.97
N ASN C 37 19.01 -24.52 -4.35
CA ASN C 37 18.28 -23.42 -4.95
C ASN C 37 18.37 -22.17 -4.09
N PHE C 38 18.35 -22.39 -2.77
CA PHE C 38 18.54 -21.30 -1.81
C PHE C 38 19.86 -20.60 -2.09
N THR C 39 20.92 -21.39 -2.21
CA THR C 39 22.26 -20.87 -2.51
C THR C 39 22.26 -20.07 -3.81
N LEU C 40 21.73 -20.69 -4.86
CA LEU C 40 21.61 -20.00 -6.15
C LEU C 40 20.96 -18.64 -5.96
N ALA C 41 19.73 -18.65 -5.46
CA ALA C 41 18.98 -17.41 -5.24
C ALA C 41 19.83 -16.36 -4.54
N CYS C 42 20.50 -16.76 -3.47
CA CYS C 42 21.32 -15.85 -2.69
C CYS C 42 22.43 -15.23 -3.53
N GLU C 43 23.02 -16.05 -4.40
CA GLU C 43 24.14 -15.59 -5.23
C GLU C 43 23.71 -14.54 -6.25
N LYS C 44 22.69 -14.87 -7.04
CA LYS C 44 22.23 -13.94 -8.06
C LYS C 44 21.75 -12.62 -7.47
N MET C 45 21.19 -12.67 -6.27
CA MET C 45 20.79 -11.46 -5.57
C MET C 45 22.01 -10.72 -5.03
N PHE C 46 23.04 -11.48 -4.68
CA PHE C 46 24.24 -10.92 -4.08
C PHE C 46 25.00 -10.01 -5.05
N TRP C 47 24.98 -10.37 -6.33
CA TRP C 47 25.73 -9.63 -7.34
C TRP C 47 24.87 -8.58 -8.04
N CYS C 48 23.58 -8.55 -7.70
CA CYS C 48 22.65 -7.59 -8.29
C CYS C 48 23.19 -6.16 -8.16
N LYS C 49 23.35 -5.48 -9.30
CA LYS C 49 23.83 -4.11 -9.30
C LYS C 49 22.67 -3.12 -9.27
N GLY C 50 21.46 -3.62 -9.47
CA GLY C 50 20.27 -2.77 -9.49
C GLY C 50 19.44 -2.87 -8.24
N LYS C 51 18.26 -3.45 -8.37
CA LYS C 51 17.34 -3.59 -7.24
C LYS C 51 16.68 -4.98 -7.26
N VAL C 52 16.55 -5.58 -6.08
CA VAL C 52 15.79 -6.80 -5.96
C VAL C 52 14.30 -6.45 -5.90
N VAL C 53 13.58 -6.78 -6.96
CA VAL C 53 12.18 -6.41 -7.08
C VAL C 53 11.25 -7.55 -6.71
N VAL C 54 10.59 -7.43 -5.56
CA VAL C 54 9.64 -8.45 -5.11
C VAL C 54 8.22 -8.07 -5.51
N MET C 55 7.43 -9.08 -5.86
CA MET C 55 6.05 -8.85 -6.28
C MET C 55 5.17 -10.05 -5.96
N GLY C 56 3.89 -9.79 -5.74
CA GLY C 56 2.93 -10.86 -5.42
C GLY C 56 1.50 -10.37 -5.35
N MET C 57 0.58 -11.30 -5.11
CA MET C 57 -0.83 -10.99 -5.04
C MET C 57 -1.42 -11.38 -3.69
N GLY C 58 -2.39 -10.61 -3.22
CA GLY C 58 -3.06 -10.90 -1.96
C GLY C 58 -2.10 -11.20 -0.82
N ALA C 59 -2.38 -12.25 -0.07
CA ALA C 59 -1.53 -12.65 1.04
C ALA C 59 -0.07 -12.66 0.65
N SER C 60 0.25 -13.31 -0.46
CA SER C 60 1.61 -13.34 -0.97
C SER C 60 2.17 -11.92 -1.07
N GLY C 61 1.34 -11.00 -1.56
CA GLY C 61 1.76 -9.62 -1.75
C GLY C 61 2.16 -8.94 -0.45
N HIS C 62 1.32 -9.09 0.58
CA HIS C 62 1.59 -8.45 1.86
C HIS C 62 2.89 -8.94 2.49
N ILE C 63 3.18 -10.23 2.31
CA ILE C 63 4.43 -10.80 2.80
C ILE C 63 5.61 -10.36 1.94
N GLY C 64 5.45 -10.47 0.63
CA GLY C 64 6.49 -10.04 -0.30
C GLY C 64 6.89 -8.60 -0.05
N ARG C 65 6.01 -7.86 0.61
CA ARG C 65 6.25 -6.46 0.93
C ARG C 65 7.22 -6.36 2.12
N LYS C 66 6.84 -6.97 3.24
CA LYS C 66 7.71 -7.02 4.40
C LYS C 66 9.06 -7.60 4.00
N MET C 67 9.05 -8.44 2.97
CA MET C 67 10.26 -9.06 2.45
C MET C 67 11.20 -8.00 1.85
N ALA C 68 10.65 -7.13 1.01
CA ALA C 68 11.43 -6.06 0.40
C ALA C 68 11.99 -5.14 1.49
N ALA C 69 11.13 -4.74 2.42
CA ALA C 69 11.54 -3.88 3.52
C ALA C 69 12.68 -4.52 4.30
N THR C 70 12.61 -5.83 4.50
CA THR C 70 13.64 -6.56 5.24
C THR C 70 14.94 -6.62 4.45
N PHE C 71 14.84 -6.85 3.15
CA PHE C 71 16.02 -6.88 2.29
C PHE C 71 16.78 -5.57 2.34
N ALA C 72 16.04 -4.46 2.21
CA ALA C 72 16.65 -3.14 2.22
C ALA C 72 17.38 -2.88 3.53
N SER C 73 16.63 -2.80 4.62
CA SER C 73 17.19 -2.54 5.93
C SER C 73 18.37 -3.46 6.24
N THR C 74 18.56 -4.48 5.42
CA THR C 74 19.62 -5.46 5.65
C THR C 74 20.85 -5.19 4.79
N GLY C 75 20.69 -4.38 3.76
CA GLY C 75 21.79 -4.06 2.86
C GLY C 75 21.56 -4.54 1.44
N THR C 76 20.42 -5.21 1.23
CA THR C 76 20.04 -5.65 -0.11
C THR C 76 18.98 -4.73 -0.71
N PRO C 77 19.41 -3.69 -1.43
CA PRO C 77 18.50 -2.74 -2.06
C PRO C 77 17.36 -3.45 -2.78
N SER C 78 16.14 -3.24 -2.31
CA SER C 78 14.97 -3.90 -2.87
C SER C 78 13.70 -3.09 -2.64
N PHE C 79 12.66 -3.41 -3.39
CA PHE C 79 11.37 -2.75 -3.23
C PHE C 79 10.25 -3.60 -3.82
N PHE C 80 9.03 -3.39 -3.33
CA PHE C 80 7.88 -4.18 -3.78
C PHE C 80 7.09 -3.50 -4.90
N VAL C 81 6.44 -4.32 -5.71
CA VAL C 81 5.60 -3.82 -6.79
C VAL C 81 4.49 -4.82 -7.11
N HIS C 82 3.26 -4.32 -7.19
CA HIS C 82 2.11 -5.17 -7.47
C HIS C 82 2.12 -5.62 -8.93
N PRO C 83 1.98 -6.93 -9.16
CA PRO C 83 1.99 -7.50 -10.52
C PRO C 83 1.04 -6.77 -11.45
N GLY C 84 -0.23 -6.66 -11.05
CA GLY C 84 -1.23 -5.98 -11.86
C GLY C 84 -0.76 -4.62 -12.33
N GLU C 85 -0.32 -3.79 -11.39
CA GLU C 85 0.15 -2.44 -11.71
C GLU C 85 1.29 -2.48 -12.73
N ALA C 86 2.19 -3.44 -12.57
CA ALA C 86 3.35 -3.56 -13.46
C ALA C 86 2.94 -3.95 -14.87
N ALA C 87 1.77 -4.54 -15.02
CA ALA C 87 1.28 -4.96 -16.32
C ALA C 87 1.17 -3.79 -17.28
N HIS C 88 0.50 -2.73 -16.85
CA HIS C 88 0.28 -1.56 -17.68
C HIS C 88 1.60 -0.97 -18.18
N GLY C 89 2.56 -0.84 -17.28
CA GLY C 89 3.86 -0.27 -17.63
C GLY C 89 4.79 -1.29 -18.25
N ASP C 90 4.26 -2.46 -18.59
CA ASP C 90 5.07 -3.54 -19.15
C ASP C 90 6.36 -3.68 -18.35
N LEU C 91 6.30 -3.43 -17.06
CA LEU C 91 7.44 -3.59 -16.20
C LEU C 91 8.44 -2.49 -16.34
N GLY C 92 7.96 -1.27 -16.38
CA GLY C 92 8.84 -0.13 -16.53
C GLY C 92 9.79 0.06 -15.36
N MET C 93 9.46 -0.58 -14.23
CA MET C 93 10.29 -0.46 -13.04
C MET C 93 11.55 -1.31 -13.16
N VAL C 94 11.43 -2.45 -13.82
CA VAL C 94 12.52 -3.41 -13.89
C VAL C 94 13.48 -3.15 -15.05
N THR C 95 14.77 -3.33 -14.85
CA THR C 95 15.70 -3.26 -15.95
C THR C 95 16.48 -4.52 -15.97
N PRO C 96 17.34 -4.67 -16.95
CA PRO C 96 18.18 -5.85 -17.11
C PRO C 96 19.15 -5.97 -15.94
N GLN C 97 19.31 -4.87 -15.20
CA GLN C 97 20.26 -4.80 -14.10
C GLN C 97 19.63 -5.25 -12.79
N ASP C 98 18.38 -5.68 -12.85
CA ASP C 98 17.62 -6.03 -11.66
C ASP C 98 17.46 -7.53 -11.48
N VAL C 99 16.97 -7.92 -10.31
CA VAL C 99 16.62 -9.30 -10.01
C VAL C 99 15.19 -9.33 -9.48
N VAL C 100 14.37 -10.23 -10.01
CA VAL C 100 12.97 -10.29 -9.64
C VAL C 100 12.65 -11.50 -8.76
N ILE C 101 11.90 -11.25 -7.69
CA ILE C 101 11.39 -12.32 -6.84
C ILE C 101 9.87 -12.36 -6.93
N ALA C 102 9.35 -13.39 -7.57
CA ALA C 102 7.90 -13.55 -7.72
C ALA C 102 7.36 -14.50 -6.66
N ILE C 103 6.45 -13.99 -5.82
CA ILE C 103 5.85 -14.80 -4.77
C ILE C 103 4.44 -15.23 -5.14
N SER C 104 4.21 -16.54 -5.12
CA SER C 104 2.90 -17.10 -5.47
C SER C 104 2.78 -18.55 -5.03
N ASN C 105 1.97 -18.80 -4.01
CA ASN C 105 1.74 -20.15 -3.52
C ASN C 105 1.12 -21.02 -4.61
N SER C 106 0.09 -20.48 -5.26
CA SER C 106 -0.57 -21.18 -6.35
C SER C 106 0.44 -21.60 -7.42
N GLY C 107 1.28 -20.66 -7.84
CA GLY C 107 2.26 -20.91 -8.88
C GLY C 107 1.66 -20.79 -10.27
N GLU C 108 0.41 -20.35 -10.33
CA GLU C 108 -0.30 -20.23 -11.60
C GLU C 108 -1.04 -18.89 -11.73
N SER C 109 -0.62 -17.91 -10.94
CA SER C 109 -1.25 -16.60 -10.96
C SER C 109 -1.18 -15.98 -12.36
N SER C 110 -2.34 -15.63 -12.90
CA SER C 110 -2.45 -15.08 -14.24
C SER C 110 -1.61 -13.81 -14.41
N GLU C 111 -1.72 -12.91 -13.45
CA GLU C 111 -0.99 -11.65 -13.51
C GLU C 111 0.51 -11.89 -13.71
N ILE C 112 1.11 -12.60 -12.77
CA ILE C 112 2.55 -12.85 -12.80
C ILE C 112 2.98 -13.63 -14.04
N THR C 113 2.13 -14.57 -14.46
CA THR C 113 2.42 -15.36 -15.66
C THR C 113 2.62 -14.46 -16.88
N ALA C 114 1.84 -13.39 -16.95
CA ALA C 114 1.91 -12.46 -18.08
C ALA C 114 3.24 -11.71 -18.11
N LEU C 115 3.77 -11.41 -16.93
CA LEU C 115 5.03 -10.67 -16.82
C LEU C 115 6.23 -11.53 -17.20
N ILE C 116 6.03 -12.85 -17.26
CA ILE C 116 7.11 -13.78 -17.52
C ILE C 116 7.79 -13.53 -18.87
N PRO C 117 7.02 -13.61 -19.96
CA PRO C 117 7.55 -13.37 -21.30
C PRO C 117 8.34 -12.06 -21.36
N VAL C 118 7.75 -11.00 -20.84
CA VAL C 118 8.39 -9.70 -20.80
C VAL C 118 9.67 -9.77 -19.97
N LEU C 119 9.58 -10.45 -18.83
CA LEU C 119 10.69 -10.53 -17.89
C LEU C 119 11.88 -11.26 -18.51
N LYS C 120 11.61 -12.36 -19.18
CA LYS C 120 12.66 -13.13 -19.86
C LYS C 120 13.27 -12.32 -20.99
N ARG C 121 12.43 -11.60 -21.71
CA ARG C 121 12.87 -10.83 -22.86
C ARG C 121 13.67 -9.61 -22.43
N LEU C 122 13.87 -9.48 -21.12
CA LEU C 122 14.68 -8.40 -20.56
C LEU C 122 16.00 -8.94 -20.07
N HIS C 123 16.09 -10.26 -19.97
CA HIS C 123 17.28 -10.93 -19.47
C HIS C 123 17.49 -10.65 -17.98
N VAL C 124 16.38 -10.52 -17.26
CA VAL C 124 16.43 -10.30 -15.82
C VAL C 124 16.27 -11.62 -15.08
N PRO C 125 17.17 -11.90 -14.12
CA PRO C 125 17.13 -13.14 -13.35
C PRO C 125 15.82 -13.29 -12.58
N LEU C 126 15.09 -14.36 -12.87
CA LEU C 126 13.78 -14.58 -12.24
C LEU C 126 13.83 -15.64 -11.15
N ILE C 127 13.51 -15.24 -9.93
CA ILE C 127 13.41 -16.16 -8.80
C ILE C 127 11.94 -16.30 -8.40
N CYS C 128 11.50 -17.54 -8.18
CA CYS C 128 10.12 -17.79 -7.82
C CYS C 128 10.00 -18.53 -6.49
N ILE C 129 9.08 -18.07 -5.66
CA ILE C 129 8.82 -18.72 -4.37
C ILE C 129 7.44 -19.35 -4.38
N THR C 130 7.39 -20.66 -4.58
CA THR C 130 6.12 -21.36 -4.70
C THR C 130 6.07 -22.61 -3.82
N GLY C 131 4.86 -23.15 -3.66
CA GLY C 131 4.68 -24.40 -2.93
C GLY C 131 4.40 -25.54 -3.89
N ARG C 132 4.71 -25.30 -5.17
CA ARG C 132 4.46 -26.28 -6.21
C ARG C 132 5.60 -26.29 -7.22
N PRO C 133 6.49 -27.28 -7.12
CA PRO C 133 7.66 -27.40 -7.98
C PRO C 133 7.30 -27.56 -9.46
N GLU C 134 6.09 -28.04 -9.74
CA GLU C 134 5.66 -28.29 -11.10
C GLU C 134 4.84 -27.14 -11.67
N SER C 135 4.89 -26.00 -11.00
CA SER C 135 4.09 -24.84 -11.42
C SER C 135 4.73 -24.11 -12.61
N SER C 136 3.93 -23.29 -13.29
CA SER C 136 4.39 -22.55 -14.45
C SER C 136 5.56 -21.64 -14.12
N MET C 137 5.41 -20.83 -13.09
CA MET C 137 6.47 -19.91 -12.70
C MET C 137 7.63 -20.62 -11.99
N ALA C 138 7.38 -21.84 -11.54
CA ALA C 138 8.45 -22.68 -11.02
C ALA C 138 9.29 -23.16 -12.19
N ARG C 139 8.62 -23.56 -13.26
CA ARG C 139 9.27 -23.97 -14.50
C ARG C 139 10.03 -22.82 -15.16
N ALA C 140 9.32 -21.72 -15.43
CA ALA C 140 9.88 -20.61 -16.19
C ALA C 140 10.92 -19.80 -15.41
N ALA C 141 11.07 -20.09 -14.12
CA ALA C 141 11.99 -19.35 -13.28
C ALA C 141 13.45 -19.77 -13.52
N ASP C 142 14.37 -18.88 -13.15
CA ASP C 142 15.79 -19.20 -13.20
C ASP C 142 16.17 -20.03 -11.98
N VAL C 143 15.47 -19.78 -10.87
CA VAL C 143 15.72 -20.47 -9.63
C VAL C 143 14.44 -20.57 -8.82
N HIS C 144 13.83 -21.75 -8.81
CA HIS C 144 12.62 -21.97 -8.01
C HIS C 144 12.97 -22.29 -6.56
N LEU C 145 12.45 -21.47 -5.65
CA LEU C 145 12.66 -21.68 -4.23
C LEU C 145 11.38 -22.22 -3.62
N CYS C 146 11.40 -23.49 -3.23
CA CYS C 146 10.19 -24.17 -2.78
C CYS C 146 9.82 -23.88 -1.33
N VAL C 147 8.52 -23.71 -1.09
CA VAL C 147 8.00 -23.46 0.24
C VAL C 147 6.69 -24.22 0.46
N LYS C 148 6.66 -25.48 0.04
CA LYS C 148 5.46 -26.30 0.17
C LYS C 148 5.16 -26.64 1.63
N VAL C 149 3.87 -26.66 1.96
CA VAL C 149 3.42 -27.03 3.30
C VAL C 149 2.37 -28.14 3.19
N ALA C 150 2.46 -29.11 4.08
CA ALA C 150 1.59 -30.29 4.01
C ALA C 150 0.20 -30.03 4.59
N LYS C 151 0.11 -29.19 5.61
CA LYS C 151 -1.15 -28.99 6.32
C LYS C 151 -1.54 -27.52 6.40
N GLU C 152 -2.82 -27.25 6.17
CA GLU C 152 -3.36 -25.90 6.26
C GLU C 152 -3.94 -25.64 7.65
N ALA C 153 -3.67 -24.45 8.20
CA ALA C 153 -4.15 -24.10 9.52
C ALA C 153 -5.61 -23.67 9.51
N CYS C 154 -6.08 -23.26 8.34
CA CYS C 154 -7.47 -22.83 8.20
C CYS C 154 -8.37 -23.98 7.76
N PRO C 155 -9.48 -24.18 8.48
CA PRO C 155 -10.43 -25.28 8.24
C PRO C 155 -10.93 -25.34 6.81
N LEU C 156 -11.38 -24.21 6.27
CA LEU C 156 -11.96 -24.18 4.93
C LEU C 156 -11.00 -23.58 3.91
N GLY C 157 -9.75 -23.40 4.30
CA GLY C 157 -8.75 -22.81 3.42
C GLY C 157 -9.19 -21.47 2.87
N LEU C 158 -10.00 -20.75 3.67
CA LEU C 158 -10.48 -19.43 3.27
C LEU C 158 -9.34 -18.43 3.26
N ALA C 159 -8.31 -18.69 4.04
CA ALA C 159 -7.13 -17.83 4.09
C ALA C 159 -5.87 -18.66 4.32
N PRO C 160 -4.81 -18.35 3.55
CA PRO C 160 -3.54 -19.06 3.68
C PRO C 160 -2.95 -18.87 5.07
N THR C 161 -2.26 -19.89 5.57
CA THR C 161 -1.70 -19.85 6.92
C THR C 161 -0.25 -20.33 6.91
N SER C 162 -0.08 -21.65 6.85
CA SER C 162 1.24 -22.26 6.86
C SER C 162 2.06 -21.81 5.65
N SER C 163 1.42 -21.77 4.48
CA SER C 163 2.11 -21.38 3.25
C SER C 163 2.54 -19.92 3.31
N THR C 164 1.70 -19.09 3.93
CA THR C 164 1.98 -17.67 4.04
C THR C 164 3.11 -17.42 5.03
N THR C 165 3.13 -18.21 6.10
CA THR C 165 4.15 -18.08 7.14
C THR C 165 5.48 -18.69 6.71
N ALA C 166 5.42 -19.74 5.91
CA ALA C 166 6.63 -20.39 5.41
C ALA C 166 7.39 -19.45 4.48
N THR C 167 6.64 -18.71 3.68
CA THR C 167 7.23 -17.75 2.75
C THR C 167 7.94 -16.63 3.50
N LEU C 168 7.29 -16.13 4.55
CA LEU C 168 7.85 -15.06 5.37
C LEU C 168 9.21 -15.44 5.93
N VAL C 169 9.28 -16.60 6.57
CA VAL C 169 10.53 -17.08 7.15
C VAL C 169 11.57 -17.34 6.08
N MET C 170 11.16 -18.01 5.00
CA MET C 170 12.04 -18.27 3.88
C MET C 170 12.67 -16.97 3.38
N GLY C 171 11.92 -15.87 3.50
CA GLY C 171 12.41 -14.56 3.11
C GLY C 171 13.45 -14.04 4.09
N ASP C 172 13.10 -14.07 5.37
CA ASP C 172 14.03 -13.64 6.43
C ASP C 172 15.35 -14.38 6.30
N ALA C 173 15.28 -15.62 5.82
CA ALA C 173 16.47 -16.47 5.72
C ALA C 173 17.38 -16.06 4.58
N LEU C 174 16.82 -15.41 3.56
CA LEU C 174 17.61 -14.90 2.45
C LEU C 174 18.26 -13.58 2.84
N ALA C 175 17.51 -12.74 3.55
CA ALA C 175 18.01 -11.45 3.97
C ALA C 175 19.28 -11.56 4.82
N VAL C 176 19.17 -12.26 5.95
CA VAL C 176 20.28 -12.38 6.88
C VAL C 176 21.40 -13.24 6.32
N ALA C 177 21.04 -14.26 5.54
CA ALA C 177 22.03 -15.11 4.90
C ALA C 177 22.94 -14.26 4.02
N LEU C 178 22.33 -13.36 3.25
CA LEU C 178 23.08 -12.45 2.39
C LEU C 178 23.86 -11.45 3.23
N LEU C 179 23.24 -10.97 4.30
CA LEU C 179 23.92 -10.03 5.20
C LEU C 179 25.22 -10.63 5.71
N LYS C 180 25.15 -11.86 6.21
CA LYS C 180 26.33 -12.54 6.73
C LYS C 180 27.36 -12.80 5.64
N ALA C 181 26.89 -12.99 4.41
CA ALA C 181 27.78 -13.19 3.28
C ALA C 181 28.59 -11.92 3.00
N ARG C 182 28.13 -10.81 3.56
CA ARG C 182 28.81 -9.53 3.40
C ARG C 182 29.76 -9.26 4.57
N GLY C 183 30.66 -8.31 4.39
CA GLY C 183 31.61 -7.95 5.43
C GLY C 183 31.20 -8.47 6.79
N PHE D 10 26.37 -24.46 1.12
CA PHE D 10 26.95 -24.98 2.40
C PHE D 10 27.13 -23.86 3.42
N ASP D 11 27.57 -22.70 2.95
CA ASP D 11 27.74 -21.53 3.79
C ASP D 11 26.46 -20.70 3.81
N PHE D 12 25.73 -20.71 2.69
CA PHE D 12 24.45 -20.01 2.59
C PHE D 12 23.34 -20.85 3.20
N GLN D 13 23.26 -22.11 2.78
CA GLN D 13 22.27 -23.04 3.34
C GLN D 13 22.45 -23.09 4.85
N GLN D 14 23.69 -23.13 5.30
CA GLN D 14 24.00 -23.15 6.73
C GLN D 14 23.36 -21.95 7.41
N ALA D 15 23.54 -20.77 6.83
CA ALA D 15 22.99 -19.54 7.38
C ALA D 15 21.47 -19.55 7.34
N GLY D 16 20.91 -19.94 6.20
CA GLY D 16 19.46 -20.00 6.04
C GLY D 16 18.81 -20.92 7.04
N LYS D 17 19.46 -22.04 7.33
CA LYS D 17 18.92 -23.03 8.24
C LYS D 17 18.99 -22.59 9.70
N GLU D 18 20.00 -21.79 10.03
CA GLU D 18 20.13 -21.27 11.38
C GLU D 18 19.01 -20.28 11.70
N VAL D 19 18.64 -19.48 10.69
CA VAL D 19 17.53 -18.54 10.85
C VAL D 19 16.22 -19.28 11.06
N LEU D 20 15.96 -20.26 10.20
CA LEU D 20 14.76 -21.08 10.31
C LEU D 20 14.63 -21.70 11.69
N ALA D 21 15.75 -22.19 12.22
CA ALA D 21 15.77 -22.82 13.53
C ALA D 21 15.55 -21.80 14.65
N ILE D 22 16.14 -20.62 14.50
CA ILE D 22 16.01 -19.58 15.50
C ILE D 22 14.56 -19.11 15.62
N GLU D 23 13.87 -19.00 14.49
CA GLU D 23 12.48 -18.56 14.48
C GLU D 23 11.55 -19.65 15.01
N ARG D 24 11.90 -20.90 14.74
CA ARG D 24 11.10 -22.03 15.21
C ARG D 24 11.15 -22.15 16.74
N GLU D 25 12.30 -21.83 17.32
CA GLU D 25 12.46 -21.89 18.77
C GLU D 25 11.68 -20.77 19.44
N CYS D 26 11.46 -19.68 18.70
CA CYS D 26 10.70 -18.55 19.21
C CYS D 26 9.21 -18.85 19.19
N LEU D 27 8.77 -19.60 18.19
CA LEU D 27 7.37 -19.98 18.08
C LEU D 27 6.97 -20.93 19.20
N ALA D 28 7.94 -21.66 19.74
CA ALA D 28 7.69 -22.57 20.84
C ALA D 28 7.49 -21.79 22.13
N GLU D 29 8.07 -20.60 22.21
CA GLU D 29 7.94 -19.74 23.38
C GLU D 29 6.62 -18.98 23.34
N LEU D 30 5.94 -19.05 22.20
CA LEU D 30 4.71 -18.28 21.97
C LEU D 30 3.48 -18.99 22.53
N ASP D 31 3.58 -20.31 22.68
CA ASP D 31 2.45 -21.10 23.16
C ASP D 31 1.86 -20.55 24.45
N GLN D 32 2.76 -20.14 25.35
CA GLN D 32 2.34 -19.59 26.64
C GLN D 32 1.46 -18.35 26.45
N TYR D 33 1.84 -17.51 25.49
CA TYR D 33 1.18 -16.22 25.29
C TYR D 33 -0.25 -16.33 24.77
N ILE D 34 -0.59 -17.50 24.22
CA ILE D 34 -1.97 -17.75 23.81
C ILE D 34 -2.80 -18.03 25.07
N ASN D 35 -2.90 -17.02 25.93
CA ASN D 35 -3.49 -17.19 27.25
C ASN D 35 -4.72 -16.30 27.43
N GLN D 36 -5.07 -16.07 28.70
CA GLN D 36 -6.26 -15.30 29.04
C GLN D 36 -6.48 -14.02 28.24
N ASN D 37 -5.38 -13.34 27.90
CA ASN D 37 -5.46 -12.14 27.08
C ASN D 37 -5.90 -12.46 25.66
N PHE D 38 -5.40 -13.57 25.12
CA PHE D 38 -5.77 -14.02 23.80
C PHE D 38 -7.28 -14.21 23.69
N THR D 39 -7.85 -14.96 24.63
CA THR D 39 -9.28 -15.19 24.67
C THR D 39 -10.03 -13.88 24.93
N LEU D 40 -9.44 -13.05 25.78
CA LEU D 40 -10.02 -11.76 26.13
C LEU D 40 -10.13 -10.88 24.89
N ALA D 41 -9.12 -10.95 24.04
CA ALA D 41 -9.10 -10.18 22.80
C ALA D 41 -10.06 -10.77 21.76
N CYS D 42 -10.16 -12.09 21.74
CA CYS D 42 -11.06 -12.78 20.82
C CYS D 42 -12.49 -12.31 21.04
N GLU D 43 -12.84 -12.11 22.32
CA GLU D 43 -14.19 -11.71 22.68
C GLU D 43 -14.48 -10.27 22.29
N LYS D 44 -13.57 -9.36 22.64
CA LYS D 44 -13.71 -7.96 22.24
C LYS D 44 -14.00 -7.86 20.75
N MET D 45 -13.33 -8.69 19.96
CA MET D 45 -13.52 -8.70 18.52
C MET D 45 -14.83 -9.38 18.12
N PHE D 46 -15.21 -10.39 18.89
CA PHE D 46 -16.39 -11.20 18.55
C PHE D 46 -17.69 -10.40 18.64
N TRP D 47 -17.77 -9.47 19.57
CA TRP D 47 -18.98 -8.67 19.76
C TRP D 47 -18.88 -7.31 19.08
N CYS D 48 -17.85 -7.15 18.25
CA CYS D 48 -17.67 -5.92 17.48
C CYS D 48 -18.72 -5.82 16.38
N LYS D 49 -19.45 -4.71 16.35
CA LYS D 49 -20.49 -4.52 15.35
C LYS D 49 -19.97 -3.72 14.16
N GLY D 50 -18.77 -3.17 14.30
CA GLY D 50 -18.16 -2.38 13.23
C GLY D 50 -17.04 -3.11 12.52
N LYS D 51 -15.84 -2.56 12.60
CA LYS D 51 -14.68 -3.13 11.94
C LYS D 51 -13.52 -3.31 12.90
N VAL D 52 -12.71 -4.33 12.65
CA VAL D 52 -11.49 -4.54 13.42
C VAL D 52 -10.34 -3.81 12.74
N VAL D 53 -10.13 -2.56 13.13
CA VAL D 53 -9.12 -1.72 12.51
C VAL D 53 -7.72 -2.08 12.98
N VAL D 54 -6.94 -2.69 12.09
CA VAL D 54 -5.56 -3.05 12.39
C VAL D 54 -4.62 -1.98 11.86
N MET D 55 -3.62 -1.62 12.66
CA MET D 55 -2.67 -0.59 12.25
C MET D 55 -1.28 -0.82 12.85
N GLY D 56 -0.26 -0.59 12.04
CA GLY D 56 1.12 -0.77 12.45
C GLY D 56 2.09 0.02 11.59
N MET D 57 3.37 -0.05 11.94
CA MET D 57 4.40 0.66 11.19
C MET D 57 5.45 -0.29 10.62
N GLY D 58 6.11 0.13 9.55
CA GLY D 58 7.15 -0.68 8.93
C GLY D 58 6.81 -2.16 8.87
N ALA D 59 7.70 -2.99 9.40
CA ALA D 59 7.51 -4.43 9.37
C ALA D 59 6.17 -4.83 9.95
N SER D 60 5.82 -4.23 11.09
CA SER D 60 4.55 -4.52 11.75
C SER D 60 3.38 -4.22 10.82
N GLY D 61 3.49 -3.12 10.07
CA GLY D 61 2.44 -2.70 9.16
C GLY D 61 2.13 -3.73 8.10
N HIS D 62 3.17 -4.20 7.42
CA HIS D 62 3.00 -5.17 6.34
C HIS D 62 2.35 -6.45 6.86
N ILE D 63 2.67 -6.83 8.08
CA ILE D 63 2.04 -7.98 8.71
C ILE D 63 0.61 -7.66 9.12
N GLY D 64 0.44 -6.50 9.77
CA GLY D 64 -0.89 -6.04 10.16
C GLY D 64 -1.80 -5.94 8.95
N ARG D 65 -1.18 -5.84 7.78
CA ARG D 65 -1.92 -5.75 6.53
C ARG D 65 -2.50 -7.12 6.18
N LYS D 66 -1.63 -8.12 6.11
CA LYS D 66 -2.05 -9.49 5.86
C LYS D 66 -2.99 -9.96 6.96
N MET D 67 -2.85 -9.38 8.14
CA MET D 67 -3.69 -9.72 9.28
C MET D 67 -5.14 -9.34 9.01
N ALA D 68 -5.35 -8.12 8.52
CA ALA D 68 -6.69 -7.64 8.20
C ALA D 68 -7.33 -8.45 7.08
N ALA D 69 -6.54 -8.74 6.05
CA ALA D 69 -7.02 -9.52 4.92
C ALA D 69 -7.50 -10.89 5.36
N THR D 70 -6.78 -11.49 6.30
CA THR D 70 -7.13 -12.81 6.83
C THR D 70 -8.41 -12.75 7.66
N PHE D 71 -8.49 -11.77 8.54
CA PHE D 71 -9.70 -11.54 9.32
C PHE D 71 -10.91 -11.48 8.38
N ALA D 72 -10.88 -10.51 7.47
CA ALA D 72 -11.98 -10.27 6.54
C ALA D 72 -12.40 -11.53 5.78
N SER D 73 -11.41 -12.29 5.31
CA SER D 73 -11.70 -13.49 4.52
C SER D 73 -12.13 -14.65 5.40
N THR D 74 -12.11 -14.42 6.71
CA THR D 74 -12.47 -15.47 7.67
C THR D 74 -13.83 -15.19 8.31
N GLY D 75 -14.36 -14.00 8.08
CA GLY D 75 -15.66 -13.62 8.64
C GLY D 75 -15.56 -12.53 9.69
N THR D 76 -14.36 -11.96 9.83
CA THR D 76 -14.14 -10.87 10.77
C THR D 76 -13.89 -9.56 10.05
N PRO D 77 -14.91 -8.76 9.87
CA PRO D 77 -14.78 -7.55 9.11
C PRO D 77 -13.69 -6.65 9.67
N SER D 78 -12.75 -6.26 8.83
CA SER D 78 -11.57 -5.61 9.33
C SER D 78 -10.72 -5.06 8.22
N PHE D 79 -9.98 -3.99 8.46
CA PHE D 79 -9.16 -3.36 7.46
C PHE D 79 -7.85 -2.81 8.01
N PHE D 80 -6.84 -2.58 7.16
CA PHE D 80 -5.59 -1.99 7.63
C PHE D 80 -5.56 -0.49 7.34
N VAL D 81 -4.84 0.25 8.17
CA VAL D 81 -4.71 1.68 7.98
C VAL D 81 -3.42 2.17 8.63
N HIS D 82 -2.59 2.87 7.85
CA HIS D 82 -1.33 3.37 8.35
C HIS D 82 -1.55 4.40 9.45
N PRO D 83 -0.83 4.26 10.57
CA PRO D 83 -0.95 5.15 11.72
C PRO D 83 -0.71 6.61 11.34
N GLY D 84 0.35 6.85 10.57
CA GLY D 84 0.69 8.21 10.14
C GLY D 84 -0.39 8.83 9.27
N GLU D 85 -1.09 7.98 8.52
CA GLU D 85 -2.16 8.45 7.64
C GLU D 85 -3.37 8.91 8.43
N ALA D 86 -3.70 8.19 9.50
CA ALA D 86 -4.81 8.54 10.36
C ALA D 86 -4.51 9.81 11.15
N ALA D 87 -3.22 10.08 11.33
CA ALA D 87 -2.78 11.27 12.05
C ALA D 87 -3.42 12.52 11.45
N HIS D 88 -3.50 12.56 10.12
CA HIS D 88 -4.11 13.68 9.42
C HIS D 88 -5.62 13.71 9.66
N GLY D 89 -6.29 12.60 9.32
CA GLY D 89 -7.73 12.50 9.48
C GLY D 89 -8.15 12.49 10.92
N ASP D 90 -7.19 12.56 11.83
CA ASP D 90 -7.49 12.54 13.25
C ASP D 90 -8.28 11.28 13.58
N LEU D 91 -8.02 10.21 12.84
CA LEU D 91 -8.73 8.94 13.02
C LEU D 91 -10.19 9.06 12.62
N GLY D 92 -10.44 9.67 11.47
CA GLY D 92 -11.80 9.85 10.98
C GLY D 92 -12.43 8.58 10.48
N MET D 93 -11.61 7.54 10.28
CA MET D 93 -12.10 6.27 9.75
C MET D 93 -12.51 5.30 10.85
N VAL D 94 -12.24 5.67 12.10
CA VAL D 94 -12.55 4.79 13.23
C VAL D 94 -13.58 5.37 14.17
N THR D 95 -14.64 4.60 14.44
CA THR D 95 -15.73 5.04 15.31
C THR D 95 -15.81 4.21 16.59
N PRO D 96 -16.73 4.60 17.49
CA PRO D 96 -16.90 4.01 18.83
C PRO D 96 -17.24 2.52 18.81
N GLN D 97 -17.85 2.04 17.74
CA GLN D 97 -18.20 0.61 17.67
C GLN D 97 -17.16 -0.19 16.88
N ASP D 98 -15.95 0.36 16.80
CA ASP D 98 -14.84 -0.34 16.15
C ASP D 98 -13.90 -0.92 17.19
N VAL D 99 -13.01 -1.81 16.76
CA VAL D 99 -12.00 -2.37 17.63
C VAL D 99 -10.63 -2.25 16.97
N VAL D 100 -9.69 -1.61 17.67
CA VAL D 100 -8.38 -1.32 17.10
C VAL D 100 -7.31 -2.30 17.59
N ILE D 101 -6.53 -2.83 16.66
CA ILE D 101 -5.40 -3.68 16.99
C ILE D 101 -4.09 -3.01 16.57
N ALA D 102 -3.40 -2.41 17.52
CA ALA D 102 -2.14 -1.74 17.24
C ALA D 102 -0.97 -2.70 17.36
N ILE D 103 -0.22 -2.86 16.26
CA ILE D 103 0.92 -3.76 16.25
C ILE D 103 2.24 -3.01 16.38
N SER D 104 3.13 -3.51 17.22
CA SER D 104 4.41 -2.86 17.44
C SER D 104 5.12 -3.83 18.38
N ASN D 105 6.35 -4.20 18.01
CA ASN D 105 7.16 -5.09 18.85
C ASN D 105 7.81 -4.14 19.85
N SER D 106 8.27 -3.00 19.34
CA SER D 106 8.85 -1.96 20.18
C SER D 106 7.89 -1.62 21.32
N GLY D 107 6.66 -1.25 20.96
CA GLY D 107 5.66 -0.88 21.93
C GLY D 107 5.74 0.59 22.29
N GLU D 108 6.63 1.31 21.61
CA GLU D 108 6.83 2.73 21.89
C GLU D 108 6.79 3.58 20.63
N SER D 109 6.39 2.98 19.51
CA SER D 109 6.28 3.71 18.25
C SER D 109 5.55 5.03 18.47
N SER D 110 6.13 6.12 17.97
CA SER D 110 5.56 7.44 18.17
C SER D 110 4.18 7.60 17.53
N GLU D 111 4.07 7.27 16.26
CA GLU D 111 2.81 7.43 15.54
C GLU D 111 1.65 6.82 16.30
N ILE D 112 1.73 5.52 16.57
CA ILE D 112 0.68 4.81 17.28
C ILE D 112 0.42 5.43 18.65
N THR D 113 1.50 5.77 19.35
CA THR D 113 1.38 6.43 20.65
C THR D 113 0.60 7.73 20.52
N ALA D 114 0.81 8.44 19.42
CA ALA D 114 0.18 9.72 19.18
C ALA D 114 -1.34 9.60 19.03
N LEU D 115 -1.79 8.45 18.54
CA LEU D 115 -3.22 8.24 18.30
C LEU D 115 -3.96 7.81 19.56
N ILE D 116 -3.23 7.21 20.50
CA ILE D 116 -3.84 6.70 21.73
C ILE D 116 -4.85 7.66 22.34
N PRO D 117 -4.40 8.87 22.69
CA PRO D 117 -5.28 9.86 23.30
C PRO D 117 -6.60 9.97 22.56
N VAL D 118 -6.53 10.02 21.24
CA VAL D 118 -7.73 10.11 20.41
C VAL D 118 -8.58 8.86 20.56
N LEU D 119 -7.96 7.70 20.34
CA LEU D 119 -8.67 6.43 20.50
C LEU D 119 -9.37 6.36 21.85
N LYS D 120 -8.62 6.68 22.91
CA LYS D 120 -9.17 6.71 24.25
C LYS D 120 -10.39 7.61 24.32
N ARG D 121 -10.18 8.90 24.05
CA ARG D 121 -11.25 9.89 24.12
C ARG D 121 -12.41 9.64 23.18
N LEU D 122 -12.37 8.48 22.51
CA LEU D 122 -13.42 8.09 21.58
C LEU D 122 -14.18 6.83 22.00
N HIS D 123 -13.70 6.20 23.06
CA HIS D 123 -14.30 4.98 23.60
C HIS D 123 -14.20 3.81 22.62
N VAL D 124 -12.98 3.55 22.14
CA VAL D 124 -12.75 2.44 21.23
C VAL D 124 -11.86 1.37 21.87
N PRO D 125 -12.37 0.14 21.97
CA PRO D 125 -11.60 -0.96 22.53
C PRO D 125 -10.23 -1.07 21.87
N LEU D 126 -9.18 -0.92 22.67
CA LEU D 126 -7.82 -0.95 22.13
C LEU D 126 -7.06 -2.23 22.48
N ILE D 127 -6.76 -3.03 21.46
CA ILE D 127 -5.95 -4.22 21.64
C ILE D 127 -4.56 -3.99 21.07
N CYS D 128 -3.53 -4.33 21.84
CA CYS D 128 -2.15 -4.09 21.43
C CYS D 128 -1.33 -5.37 21.37
N ILE D 129 -0.53 -5.49 20.32
CA ILE D 129 0.36 -6.63 20.16
C ILE D 129 1.80 -6.16 20.14
N THR D 130 2.48 -6.30 21.28
CA THR D 130 3.87 -5.87 21.40
C THR D 130 4.77 -6.98 21.91
N GLY D 131 6.07 -6.71 21.95
CA GLY D 131 7.04 -7.67 22.45
C GLY D 131 7.57 -7.30 23.82
N ARG D 132 6.85 -6.42 24.51
CA ARG D 132 7.24 -6.01 25.85
C ARG D 132 6.03 -5.54 26.68
N PRO D 133 5.72 -6.28 27.75
CA PRO D 133 4.53 -6.08 28.59
C PRO D 133 4.57 -4.77 29.37
N GLU D 134 5.67 -4.02 29.24
CA GLU D 134 5.83 -2.80 30.02
C GLU D 134 5.91 -1.56 29.13
N SER D 135 5.44 -1.65 27.92
CA SER D 135 5.45 -0.55 26.99
C SER D 135 4.28 0.38 27.24
N SER D 136 4.31 1.52 26.59
CA SER D 136 3.23 2.50 26.72
C SER D 136 1.89 1.92 26.26
N MET D 137 1.84 1.54 24.98
CA MET D 137 0.61 0.97 24.42
C MET D 137 0.27 -0.37 25.07
N ALA D 138 1.29 -1.11 25.47
CA ALA D 138 1.07 -2.38 26.18
C ALA D 138 0.23 -2.13 27.42
N ARG D 139 0.56 -1.06 28.14
CA ARG D 139 -0.16 -0.70 29.36
C ARG D 139 -1.34 0.21 29.08
N ALA D 140 -1.31 0.91 27.95
CA ALA D 140 -2.37 1.84 27.59
C ALA D 140 -3.51 1.14 26.85
N ALA D 141 -3.31 -0.13 26.51
CA ALA D 141 -4.32 -0.90 25.80
C ALA D 141 -5.34 -1.49 26.77
N ASP D 142 -6.51 -1.85 26.25
CA ASP D 142 -7.52 -2.51 27.05
C ASP D 142 -7.19 -3.99 27.19
N VAL D 143 -6.48 -4.52 26.19
CA VAL D 143 -6.06 -5.91 26.20
C VAL D 143 -4.74 -6.04 25.45
N HIS D 144 -3.69 -6.43 26.18
CA HIS D 144 -2.39 -6.62 25.56
C HIS D 144 -2.14 -8.08 25.20
N LEU D 145 -1.82 -8.31 23.93
CA LEU D 145 -1.47 -9.64 23.47
C LEU D 145 0.04 -9.66 23.24
N CYS D 146 0.74 -10.45 24.07
CA CYS D 146 2.20 -10.44 24.05
C CYS D 146 2.79 -11.41 23.02
N VAL D 147 3.85 -10.98 22.36
CA VAL D 147 4.55 -11.80 21.38
C VAL D 147 6.05 -11.68 21.55
N LYS D 148 6.48 -11.54 22.80
CA LYS D 148 7.90 -11.41 23.11
C LYS D 148 8.68 -12.62 22.63
N VAL D 149 9.89 -12.38 22.13
CA VAL D 149 10.79 -13.44 21.72
C VAL D 149 12.15 -13.26 22.36
N ALA D 150 12.83 -14.37 22.63
CA ALA D 150 14.12 -14.33 23.31
C ALA D 150 15.29 -14.11 22.36
N LYS D 151 15.20 -14.66 21.17
CA LYS D 151 16.32 -14.63 20.24
C LYS D 151 15.98 -13.96 18.90
N GLU D 152 16.88 -13.09 18.45
CA GLU D 152 16.73 -12.43 17.15
C GLU D 152 17.51 -13.21 16.09
N ALA D 153 16.87 -13.42 14.94
CA ALA D 153 17.50 -14.17 13.86
C ALA D 153 18.50 -13.32 13.10
N CYS D 154 18.43 -12.01 13.29
CA CYS D 154 19.33 -11.08 12.61
C CYS D 154 20.47 -10.66 13.54
N PRO D 155 21.72 -10.84 13.08
CA PRO D 155 22.93 -10.56 13.85
C PRO D 155 22.96 -9.15 14.43
N LEU D 156 22.70 -8.16 13.59
CA LEU D 156 22.78 -6.76 14.01
C LEU D 156 21.40 -6.20 14.34
N GLY D 157 20.38 -7.05 14.27
CA GLY D 157 19.01 -6.63 14.53
C GLY D 157 18.55 -5.56 13.56
N LEU D 158 19.19 -5.49 12.41
CA LEU D 158 18.85 -4.51 11.39
C LEU D 158 17.37 -4.61 11.01
N ALA D 159 16.88 -5.83 10.88
CA ALA D 159 15.48 -6.07 10.54
C ALA D 159 14.86 -7.09 11.49
N PRO D 160 13.58 -6.87 11.86
CA PRO D 160 12.86 -7.79 12.72
C PRO D 160 12.60 -9.11 12.01
N THR D 161 12.85 -10.21 12.71
CA THR D 161 12.72 -11.54 12.11
C THR D 161 11.82 -12.45 12.95
N SER D 162 12.29 -12.77 14.16
CA SER D 162 11.56 -13.68 15.04
C SER D 162 10.26 -13.05 15.55
N SER D 163 10.32 -11.78 15.93
CA SER D 163 9.15 -11.07 16.45
C SER D 163 8.10 -10.87 15.36
N THR D 164 8.56 -10.61 14.14
CA THR D 164 7.67 -10.39 13.02
C THR D 164 6.86 -11.65 12.68
N THR D 165 7.55 -12.79 12.63
CA THR D 165 6.90 -14.06 12.31
C THR D 165 5.96 -14.52 13.42
N ALA D 166 6.26 -14.12 14.65
CA ALA D 166 5.41 -14.46 15.79
C ALA D 166 4.10 -13.69 15.73
N THR D 167 4.19 -12.43 15.30
CA THR D 167 3.01 -11.58 15.19
C THR D 167 2.08 -12.08 14.09
N LEU D 168 2.66 -12.57 13.00
CA LEU D 168 1.89 -13.13 11.90
C LEU D 168 1.10 -14.35 12.37
N VAL D 169 1.78 -15.25 13.09
CA VAL D 169 1.15 -16.45 13.61
C VAL D 169 0.12 -16.12 14.68
N MET D 170 0.49 -15.23 15.60
CA MET D 170 -0.42 -14.78 16.64
C MET D 170 -1.72 -14.25 16.04
N GLY D 171 -1.59 -13.52 14.94
CA GLY D 171 -2.74 -13.00 14.22
C GLY D 171 -3.55 -14.10 13.56
N ASP D 172 -2.86 -15.02 12.88
CA ASP D 172 -3.52 -16.17 12.28
C ASP D 172 -4.26 -16.97 13.33
N ALA D 173 -3.80 -16.86 14.57
CA ALA D 173 -4.40 -17.61 15.68
C ALA D 173 -5.70 -16.96 16.15
N LEU D 174 -5.87 -15.69 15.82
CA LEU D 174 -7.10 -14.97 16.17
C LEU D 174 -8.16 -15.19 15.10
N ALA D 175 -7.75 -15.14 13.84
CA ALA D 175 -8.66 -15.32 12.73
C ALA D 175 -9.35 -16.68 12.77
N VAL D 176 -8.56 -17.73 12.94
CA VAL D 176 -9.09 -19.09 12.95
C VAL D 176 -9.94 -19.37 14.19
N ALA D 177 -9.48 -18.89 15.33
CA ALA D 177 -10.21 -19.05 16.58
C ALA D 177 -11.59 -18.40 16.47
N LEU D 178 -11.61 -17.12 16.12
CA LEU D 178 -12.86 -16.40 15.91
C LEU D 178 -13.74 -17.15 14.93
N LEU D 179 -13.15 -17.58 13.82
CA LEU D 179 -13.88 -18.35 12.82
C LEU D 179 -14.57 -19.54 13.47
N LYS D 180 -13.79 -20.40 14.11
CA LYS D 180 -14.34 -21.59 14.77
C LYS D 180 -15.40 -21.22 15.79
N ALA D 181 -15.23 -20.08 16.44
CA ALA D 181 -16.17 -19.63 17.46
C ALA D 181 -17.59 -19.48 16.90
N ARG D 182 -17.68 -19.32 15.59
CA ARG D 182 -18.97 -19.13 14.94
C ARG D 182 -19.53 -20.44 14.41
#